data_8CSD
#
_entry.id   8CSD
#
_cell.length_a   93.010
_cell.length_b   156.730
_cell.length_c   118.020
_cell.angle_alpha   90.000
_cell.angle_beta   90.000
_cell.angle_gamma   90.000
#
_symmetry.space_group_name_H-M   'C 2 2 21'
#
loop_
_entity.id
_entity.type
_entity.pdbx_description
1 polymer 'N-acetyl glucosaminyl transferase'
2 non-polymer "CYTIDINE-5'-MONOPHOSPHATE"
3 non-polymer '3-deoxy-alpha-D-manno-oct-2-ulopyranosonic acid'
4 non-polymer 'CHLORIDE ION'
5 non-polymer 'SODIUM ION'
6 water water
#
_entity_poly.entity_id   1
_entity_poly.type   'polypeptide(L)'
_entity_poly.pdbx_seq_one_letter_code
;MGLAVFLPPYPFRGLKAPYLWMFYKYLH(CSO)ATDSILFITGEDYLSVTDDEAQRARWEFDPASMASLGYELPNAQSMA
CHEYLTLDNAFYETLLSRHHHDPIKSFSAFLTERIPDLETELHALLDSKKGIIDQIDTFISICNCPSLEHVARTLGKEVM
HIEIGPLRAPMYRNTAYLDFAGVNGGTEASARYEKCQAEFDIKASLGDLHNYFLEVLPPAEAATHSAAGVVLQVEDCSNL
IAYNHDFTNISLLSYVRQRYEKEDILVRAHPGSLFRLRDDVFTIDDSANSLAFINQCNEVFTINSSVGLEAILTGKKTTV
LGDCSYAFINELAGASATVNAAAFYLFSYLVPFDLVFNQEYLKFRLGHPEEREIVGKHIEFYSADMPGSLSQAAHSLSSL
INEAISLEHHHHHH
;
_entity_poly.pdbx_strand_id   A,B
#
loop_
_chem_comp.id
_chem_comp.type
_chem_comp.name
_chem_comp.formula
C5P non-polymer CYTIDINE-5'-MONOPHOSPHATE 'C9 H14 N3 O8 P'
CL non-polymer 'CHLORIDE ION' 'Cl -1'
KDO D-saccharide, alpha linking '3-deoxy-alpha-D-manno-oct-2-ulopyranosonic acid' 'C8 H14 O8'
NA non-polymer 'SODIUM ION' 'Na 1'
#
# COMPACT_ATOMS: atom_id res chain seq x y z
N GLY A 2 18.34 -6.09 -11.04
CA GLY A 2 19.17 -5.64 -9.90
C GLY A 2 18.31 -5.10 -8.76
N LEU A 3 18.97 -4.75 -7.67
CA LEU A 3 18.30 -4.16 -6.53
C LEU A 3 18.24 -2.64 -6.64
N ALA A 4 17.15 -2.09 -6.11
CA ALA A 4 16.98 -0.65 -5.92
C ALA A 4 16.82 -0.37 -4.42
N VAL A 5 17.90 0.17 -3.83
CA VAL A 5 18.03 0.29 -2.39
C VAL A 5 17.75 1.73 -2.02
N PHE A 6 16.63 1.96 -1.31
CA PHE A 6 16.17 3.28 -0.94
C PHE A 6 16.65 3.61 0.47
N LEU A 7 17.53 4.60 0.59
CA LEU A 7 18.09 5.04 1.87
C LEU A 7 17.92 6.54 1.96
N PRO A 8 16.80 7.00 2.50
CA PRO A 8 16.48 8.44 2.46
C PRO A 8 17.50 9.28 3.22
N PRO A 9 17.84 10.47 2.69
CA PRO A 9 18.83 11.33 3.34
C PRO A 9 18.25 12.37 4.28
N TYR A 10 16.95 12.40 4.45
CA TYR A 10 16.36 13.46 5.26
C TYR A 10 16.76 13.31 6.72
N PRO A 11 17.36 14.36 7.35
CA PRO A 11 17.85 14.23 8.74
C PRO A 11 16.77 14.55 9.77
N PHE A 12 15.72 13.72 9.78
CA PHE A 12 14.59 13.99 10.65
C PHE A 12 15.01 14.11 12.11
N ARG A 13 16.06 13.39 12.51
CA ARG A 13 16.50 13.42 13.90
C ARG A 13 17.79 14.20 14.11
N GLY A 14 18.23 14.97 13.10
CA GLY A 14 19.37 15.85 13.23
C GLY A 14 20.67 15.26 12.78
N LEU A 15 20.67 14.04 12.26
CA LEU A 15 21.88 13.36 11.81
C LEU A 15 21.84 13.16 10.31
N LYS A 16 22.89 13.62 9.61
CA LYS A 16 22.98 13.40 8.18
C LYS A 16 23.24 11.94 7.92
N ALA A 17 22.76 11.46 6.76
CA ALA A 17 22.92 10.08 6.31
C ALA A 17 22.50 9.09 7.40
N PRO A 18 21.25 9.16 7.86
CA PRO A 18 20.89 8.38 9.07
C PRO A 18 21.06 6.88 8.91
N TYR A 19 20.96 6.34 7.69
CA TYR A 19 21.06 4.90 7.42
C TYR A 19 22.37 4.56 6.72
N LEU A 20 23.44 5.26 7.09
CA LEU A 20 24.73 5.03 6.44
C LEU A 20 25.19 3.57 6.53
N TRP A 21 24.96 2.92 7.68
CA TRP A 21 25.49 1.58 7.88
C TRP A 21 24.97 0.61 6.82
N MET A 22 23.71 0.80 6.40
CA MET A 22 23.12 -0.10 5.42
C MET A 22 23.69 0.17 4.04
N PHE A 23 23.93 1.44 3.71
CA PHE A 23 24.67 1.79 2.50
C PHE A 23 26.00 1.04 2.46
N TYR A 24 26.77 1.12 3.54
CA TYR A 24 28.08 0.49 3.55
C TYR A 24 27.97 -1.03 3.49
N LYS A 25 26.95 -1.59 4.13
CA LYS A 25 26.79 -3.05 4.15
C LYS A 25 26.45 -3.58 2.76
N TYR A 26 25.47 -2.97 2.06
CA TYR A 26 25.15 -3.39 0.70
C TYR A 26 26.33 -3.20 -0.23
N LEU A 27 27.04 -2.07 -0.12
CA LEU A 27 28.24 -1.88 -0.92
C LEU A 27 29.26 -2.99 -0.70
N HIS A 28 29.46 -3.39 0.55
CA HIS A 28 30.51 -4.35 0.86
C HIS A 28 30.16 -5.76 0.41
N CSO A 29 28.88 -6.06 0.43
CA CSO A 29 28.39 -7.40 0.09
CB CSO A 29 27.14 -7.75 0.96
SG CSO A 29 27.55 -7.85 2.71
C CSO A 29 28.03 -7.58 -1.37
O CSO A 29 27.70 -8.69 -1.80
OD CSO A 29 28.35 -9.41 3.00
HA CSO A 29 29.12 -8.03 0.28
HB2 CSO A 29 26.80 -8.62 0.68
HB3 CSO A 29 26.47 -7.07 0.84
HD CSO A 29 28.64 -9.48 3.93
N ALA A 30 28.08 -6.48 -2.15
CA ALA A 30 27.53 -6.49 -3.50
C ALA A 30 28.32 -7.42 -4.41
N THR A 31 27.60 -8.36 -5.03
CA THR A 31 28.16 -9.17 -6.11
C THR A 31 27.66 -8.73 -7.48
N ASP A 32 26.84 -7.68 -7.53
CA ASP A 32 26.39 -7.12 -8.79
C ASP A 32 26.10 -5.64 -8.60
N SER A 33 25.84 -4.96 -9.72
CA SER A 33 25.54 -3.54 -9.69
C SER A 33 24.21 -3.30 -9.00
N ILE A 34 24.18 -2.28 -8.13
CA ILE A 34 22.98 -1.89 -7.37
C ILE A 34 22.59 -0.48 -7.77
N LEU A 35 21.28 -0.21 -7.74
CA LEU A 35 20.75 1.14 -7.86
C LEU A 35 20.47 1.68 -6.47
N PHE A 36 21.13 2.78 -6.11
CA PHE A 36 20.93 3.41 -4.81
C PHE A 36 20.10 4.68 -4.99
N ILE A 37 19.00 4.76 -4.26
CA ILE A 37 18.15 5.93 -4.22
C ILE A 37 18.37 6.52 -2.83
N THR A 38 19.11 7.61 -2.75
CA THR A 38 19.60 8.14 -1.48
C THR A 38 19.78 9.65 -1.56
N GLY A 39 20.77 10.19 -0.86
CA GLY A 39 21.09 11.60 -0.93
C GLY A 39 22.58 11.80 -1.06
N GLU A 40 22.95 13.01 -1.44
CA GLU A 40 24.37 13.34 -1.59
C GLU A 40 25.13 13.12 -0.28
N ASP A 41 24.45 13.29 0.85
CA ASP A 41 25.11 13.16 2.14
C ASP A 41 25.75 11.79 2.31
N TYR A 42 25.11 10.75 1.78
CA TYR A 42 25.69 9.42 1.87
C TYR A 42 26.98 9.32 1.08
N LEU A 43 27.11 10.10 0.01
CA LEU A 43 28.30 10.04 -0.83
C LEU A 43 29.41 10.92 -0.29
N SER A 44 29.07 12.00 0.41
CA SER A 44 30.01 13.02 0.85
C SER A 44 30.39 12.89 2.31
N VAL A 45 29.90 11.87 3.02
CA VAL A 45 30.22 11.73 4.43
C VAL A 45 31.58 11.07 4.60
N THR A 46 31.91 10.14 3.71
CA THR A 46 33.17 9.40 3.82
C THR A 46 34.35 10.36 3.95
N ASP A 47 34.57 11.18 2.92
CA ASP A 47 35.74 12.05 2.89
C ASP A 47 35.61 13.24 3.84
N ASP A 48 34.38 13.67 4.11
CA ASP A 48 34.10 14.84 4.94
C ASP A 48 35.16 15.07 5.99
N GLU A 49 35.57 14.00 6.70
CA GLU A 49 36.56 14.09 7.77
C GLU A 49 36.22 15.26 8.70
N ALA A 50 34.95 15.29 9.11
CA ALA A 50 34.37 16.21 10.08
C ALA A 50 33.30 15.42 10.82
N GLN A 51 32.76 14.40 10.14
CA GLN A 51 31.85 13.41 10.70
C GLN A 51 32.56 12.14 11.16
N ARG A 52 33.86 11.99 10.86
CA ARG A 52 34.54 10.71 10.97
C ARG A 52 34.48 10.08 12.35
N ALA A 53 34.00 10.79 13.37
CA ALA A 53 33.78 10.17 14.68
C ALA A 53 32.49 9.36 14.76
N ARG A 54 31.74 9.23 13.68
CA ARG A 54 30.49 8.47 13.73
C ARG A 54 30.76 7.00 14.05
N TRP A 55 29.77 6.35 14.67
CA TRP A 55 29.90 4.93 15.01
C TRP A 55 30.03 4.06 13.77
N GLU A 56 29.47 4.48 12.63
CA GLU A 56 29.57 3.68 11.42
C GLU A 56 31.01 3.51 10.97
N PHE A 57 31.93 4.34 11.47
CA PHE A 57 33.35 4.24 11.13
C PHE A 57 34.17 3.51 12.20
N ASP A 58 33.56 3.10 13.29
CA ASP A 58 34.27 2.41 14.36
C ASP A 58 34.55 0.97 13.94
N PRO A 59 35.81 0.52 13.92
CA PRO A 59 36.08 -0.84 13.46
C PRO A 59 35.34 -1.90 14.26
N ALA A 60 35.01 -1.65 15.53
CA ALA A 60 34.24 -2.63 16.30
C ALA A 60 32.81 -2.74 15.79
N SER A 61 32.19 -1.60 15.43
CA SER A 61 30.86 -1.65 14.84
C SER A 61 30.91 -2.28 13.46
N MET A 62 31.92 -1.93 12.67
CA MET A 62 32.05 -2.51 11.33
C MET A 62 32.22 -4.02 11.40
N ALA A 63 32.97 -4.51 12.39
CA ALA A 63 33.13 -5.95 12.55
C ALA A 63 31.83 -6.60 13.01
N SER A 64 31.11 -5.96 13.93
CA SER A 64 29.89 -6.56 14.45
C SER A 64 28.86 -6.73 13.34
N LEU A 65 28.83 -5.79 12.41
CA LEU A 65 27.87 -5.79 11.30
C LEU A 65 28.46 -6.36 10.00
N GLY A 66 29.74 -6.68 10.00
CA GLY A 66 30.33 -7.37 8.88
C GLY A 66 30.51 -6.56 7.62
N TYR A 67 31.13 -5.40 7.73
CA TYR A 67 31.40 -4.59 6.55
C TYR A 67 32.70 -3.82 6.75
N GLU A 68 33.26 -3.38 5.62
CA GLU A 68 34.42 -2.49 5.57
C GLU A 68 34.04 -1.24 4.81
N LEU A 69 34.74 -0.14 5.10
CA LEU A 69 34.45 1.12 4.43
C LEU A 69 34.68 0.95 2.93
N PRO A 70 33.89 1.60 2.08
CA PRO A 70 34.05 1.44 0.64
C PRO A 70 35.07 2.41 0.06
N ASN A 71 35.63 2.00 -1.08
CA ASN A 71 36.65 2.76 -1.79
C ASN A 71 36.05 3.27 -3.09
N ALA A 72 36.80 4.16 -3.75
CA ALA A 72 36.38 4.64 -5.07
C ALA A 72 36.04 3.48 -6.00
N GLN A 73 36.80 2.38 -5.89
CA GLN A 73 36.52 1.20 -6.71
C GLN A 73 35.19 0.57 -6.33
N SER A 74 34.94 0.36 -5.04
CA SER A 74 33.71 -0.28 -4.61
C SER A 74 32.49 0.50 -5.07
N MET A 75 32.56 1.83 -4.99
CA MET A 75 31.41 2.66 -5.33
C MET A 75 31.19 2.82 -6.82
N ALA A 76 32.23 2.63 -7.63
CA ALA A 76 32.13 2.83 -9.08
C ALA A 76 31.19 1.83 -9.75
N CYS A 77 30.98 0.67 -9.13
CA CYS A 77 30.19 -0.39 -9.76
C CYS A 77 28.69 -0.08 -9.79
N HIS A 78 28.23 0.92 -9.07
CA HIS A 78 26.79 1.09 -8.83
C HIS A 78 26.29 2.41 -9.42
N GLU A 79 24.96 2.51 -9.48
CA GLU A 79 24.24 3.70 -9.95
C GLU A 79 23.60 4.41 -8.77
N TYR A 80 23.67 5.74 -8.78
CA TYR A 80 23.20 6.53 -7.64
C TYR A 80 22.20 7.59 -8.10
N LEU A 81 21.03 7.60 -7.48
CA LEU A 81 20.05 8.65 -7.64
C LEU A 81 19.96 9.41 -6.32
N THR A 82 20.06 10.72 -6.36
CA THR A 82 20.05 11.52 -5.15
C THR A 82 18.80 12.40 -5.04
N LEU A 83 18.20 12.42 -3.86
CA LEU A 83 17.09 13.31 -3.56
C LEU A 83 17.58 14.65 -3.04
N ASP A 84 16.93 15.73 -3.45
CA ASP A 84 17.34 17.07 -3.04
C ASP A 84 16.76 17.45 -1.69
N ASN A 85 17.46 18.36 -0.99
CA ASN A 85 17.01 18.78 0.33
C ASN A 85 15.86 19.79 0.25
N ALA A 86 15.74 20.52 -0.85
CA ALA A 86 14.67 21.50 -0.95
C ALA A 86 13.31 20.92 -0.59
N PHE A 87 13.09 19.65 -0.95
CA PHE A 87 11.83 19.02 -0.58
C PHE A 87 11.73 18.81 0.94
N TYR A 88 12.85 18.45 1.58
CA TYR A 88 12.87 18.27 3.03
C TYR A 88 12.45 19.55 3.76
N GLU A 89 13.04 20.68 3.39
CA GLU A 89 12.66 21.96 3.97
C GLU A 89 11.20 22.25 3.72
N THR A 90 10.72 21.96 2.51
CA THR A 90 9.30 22.13 2.24
C THR A 90 8.46 21.18 3.08
N LEU A 91 8.90 19.94 3.22
CA LEU A 91 8.18 19.00 4.08
C LEU A 91 8.07 19.52 5.52
N LEU A 92 9.18 19.96 6.09
CA LEU A 92 9.12 20.51 7.43
C LEU A 92 8.12 21.65 7.51
N SER A 93 8.11 22.54 6.50
CA SER A 93 7.21 23.68 6.53
C SER A 93 5.74 23.25 6.58
N ARG A 94 5.43 22.05 6.11
CA ARG A 94 4.05 21.59 6.03
C ARG A 94 3.64 20.84 7.28
N HIS A 95 4.55 20.60 8.21
CA HIS A 95 4.25 19.94 9.47
C HIS A 95 4.76 20.78 10.63
N HIS A 96 4.45 22.07 10.56
CA HIS A 96 4.73 23.01 11.64
C HIS A 96 6.19 22.99 12.03
N HIS A 97 7.06 22.67 11.07
CA HIS A 97 8.51 22.66 11.26
C HIS A 97 8.94 21.67 12.35
N ASP A 98 8.10 20.67 12.61
CA ASP A 98 8.38 19.60 13.54
C ASP A 98 9.04 18.45 12.77
N PRO A 99 10.34 18.21 12.94
CA PRO A 99 10.99 17.14 12.16
C PRO A 99 10.48 15.77 12.52
N ILE A 100 10.07 15.55 13.77
CA ILE A 100 9.59 14.23 14.17
C ILE A 100 8.22 13.94 13.57
N LYS A 101 7.34 14.95 13.56
CA LYS A 101 6.05 14.79 12.91
C LYS A 101 6.23 14.59 11.41
N SER A 102 7.19 15.32 10.81
CA SER A 102 7.54 15.09 9.40
C SER A 102 8.00 13.65 9.16
N PHE A 103 8.81 13.10 10.08
CA PHE A 103 9.24 11.72 9.96
C PHE A 103 8.04 10.78 10.05
N SER A 104 7.14 11.05 11.01
CA SER A 104 5.91 10.24 11.07
C SER A 104 5.16 10.22 9.73
N ALA A 105 4.98 11.39 9.11
CA ALA A 105 4.28 11.44 7.83
C ALA A 105 5.00 10.62 6.75
N PHE A 106 6.33 10.74 6.72
CA PHE A 106 7.17 9.99 5.79
C PHE A 106 6.94 8.50 5.96
N LEU A 107 6.78 8.05 7.22
CA LEU A 107 6.63 6.62 7.50
C LEU A 107 5.23 6.10 7.24
N THR A 108 4.21 6.95 7.36
CA THR A 108 2.85 6.47 7.48
C THR A 108 1.89 7.05 6.47
N GLU A 109 2.28 8.06 5.69
CA GLU A 109 1.42 8.72 4.73
C GLU A 109 2.14 8.85 3.40
N ARG A 110 1.36 8.87 2.31
CA ARG A 110 1.88 9.22 1.00
C ARG A 110 2.27 10.69 0.97
N ILE A 111 3.36 11.02 0.31
CA ILE A 111 3.80 12.40 0.12
C ILE A 111 3.93 12.62 -1.39
N PRO A 112 2.89 13.19 -2.07
CA PRO A 112 2.91 13.21 -3.55
C PRO A 112 4.13 13.90 -4.14
N ASP A 113 4.60 14.98 -3.54
CA ASP A 113 5.80 15.62 -4.08
C ASP A 113 7.02 14.71 -4.01
N LEU A 114 7.08 13.84 -3.00
CA LEU A 114 8.18 12.88 -2.94
C LEU A 114 8.02 11.84 -4.04
N GLU A 115 6.78 11.36 -4.24
CA GLU A 115 6.53 10.40 -5.31
C GLU A 115 6.93 10.97 -6.66
N THR A 116 6.66 12.25 -6.91
CA THR A 116 7.03 12.84 -8.19
C THR A 116 8.55 12.84 -8.38
N GLU A 117 9.30 13.19 -7.33
CA GLU A 117 10.76 13.25 -7.47
C GLU A 117 11.33 11.86 -7.64
N LEU A 118 10.81 10.89 -6.87
CA LEU A 118 11.20 9.50 -7.05
C LEU A 118 10.91 9.03 -8.47
N HIS A 119 9.72 9.32 -9.00
CA HIS A 119 9.43 8.91 -10.37
C HIS A 119 10.40 9.56 -11.35
N ALA A 120 10.64 10.87 -11.16
CA ALA A 120 11.57 11.59 -12.02
C ALA A 120 12.96 10.96 -11.99
N LEU A 121 13.48 10.66 -10.78
CA LEU A 121 14.80 10.06 -10.68
C LEU A 121 14.82 8.71 -11.38
N LEU A 122 13.80 7.88 -11.14
CA LEU A 122 13.75 6.56 -11.79
C LEU A 122 13.66 6.64 -13.30
N ASP A 123 13.09 7.72 -13.84
CA ASP A 123 13.04 7.94 -15.27
C ASP A 123 14.23 8.72 -15.79
N SER A 124 15.16 9.13 -14.90
CA SER A 124 16.24 10.03 -15.30
C SER A 124 17.16 9.39 -16.34
N LYS A 125 17.24 8.06 -16.39
CA LYS A 125 18.06 7.37 -17.39
C LYS A 125 17.27 6.21 -17.96
N LYS A 126 17.45 5.98 -19.26
CA LYS A 126 16.76 4.87 -19.92
C LYS A 126 17.14 3.53 -19.31
N GLY A 127 16.15 2.65 -19.19
CA GLY A 127 16.41 1.29 -18.76
C GLY A 127 16.58 1.10 -17.28
N ILE A 128 16.67 2.17 -16.50
CA ILE A 128 16.84 2.01 -15.07
C ILE A 128 15.69 1.20 -14.50
N ILE A 129 14.44 1.56 -14.85
CA ILE A 129 13.26 0.95 -14.23
C ILE A 129 13.17 -0.53 -14.60
N ASP A 130 13.37 -0.85 -15.89
CA ASP A 130 13.22 -2.22 -16.34
C ASP A 130 14.24 -3.17 -15.71
N GLN A 131 15.37 -2.65 -15.26
CA GLN A 131 16.34 -3.50 -14.61
C GLN A 131 16.12 -3.65 -13.12
N ILE A 132 15.13 -2.95 -12.55
CA ILE A 132 14.82 -3.10 -11.12
C ILE A 132 14.04 -4.39 -10.94
N ASP A 133 14.60 -5.33 -10.17
CA ASP A 133 13.88 -6.53 -9.78
C ASP A 133 13.04 -6.34 -8.52
N THR A 134 13.47 -5.47 -7.60
CA THR A 134 12.72 -5.15 -6.40
C THR A 134 13.28 -3.87 -5.82
N PHE A 135 12.43 -3.12 -5.13
CA PHE A 135 12.92 -2.11 -4.20
C PHE A 135 13.25 -2.74 -2.86
N ILE A 136 14.15 -2.09 -2.15
CA ILE A 136 14.43 -2.36 -0.74
C ILE A 136 14.35 -1.05 0.03
N SER A 137 13.67 -1.07 1.16
CA SER A 137 13.61 0.09 2.03
C SER A 137 13.88 -0.36 3.45
N ILE A 138 14.57 0.49 4.22
CA ILE A 138 14.85 0.18 5.62
C ILE A 138 13.67 0.50 6.52
N CYS A 139 12.68 1.21 6.00
CA CYS A 139 11.52 1.59 6.78
C CYS A 139 10.30 1.64 5.87
N ASN A 140 9.11 1.63 6.50
CA ASN A 140 7.88 1.85 5.75
C ASN A 140 7.96 3.21 5.10
N CYS A 141 7.39 3.32 3.91
CA CYS A 141 7.40 4.58 3.20
C CYS A 141 6.29 4.52 2.15
N PRO A 142 5.05 4.88 2.49
CA PRO A 142 3.97 4.78 1.50
C PRO A 142 4.25 5.49 0.19
N SER A 143 5.05 6.55 0.22
CA SER A 143 5.38 7.24 -1.02
C SER A 143 6.09 6.30 -1.97
N LEU A 144 7.13 5.62 -1.46
CA LEU A 144 7.85 4.67 -2.29
C LEU A 144 6.96 3.51 -2.67
N GLU A 145 6.17 3.00 -1.72
CA GLU A 145 5.33 1.83 -1.98
C GLU A 145 4.26 2.16 -3.04
N HIS A 146 3.75 3.40 -3.07
CA HIS A 146 2.82 3.84 -4.13
C HIS A 146 3.53 3.86 -5.49
N VAL A 147 4.72 4.45 -5.53
CA VAL A 147 5.51 4.45 -6.74
C VAL A 147 5.72 3.05 -7.23
N ALA A 148 6.05 2.14 -6.31
CA ALA A 148 6.33 0.76 -6.71
C ALA A 148 5.10 0.09 -7.31
N ARG A 149 3.92 0.34 -6.75
CA ARG A 149 2.71 -0.23 -7.36
C ARG A 149 2.56 0.22 -8.79
N THR A 150 2.69 1.53 -9.01
CA THR A 150 2.55 2.09 -10.35
C THR A 150 3.51 1.41 -11.31
N LEU A 151 4.71 1.09 -10.84
CA LEU A 151 5.74 0.52 -11.71
C LEU A 151 5.70 -0.99 -11.73
N GLY A 152 4.91 -1.62 -10.85
CA GLY A 152 4.83 -3.07 -10.79
C GLY A 152 5.98 -3.74 -10.08
N LYS A 153 6.58 -3.08 -9.10
CA LYS A 153 7.73 -3.61 -8.37
C LYS A 153 7.35 -3.93 -6.93
N GLU A 154 7.96 -4.95 -6.39
CA GLU A 154 7.79 -5.24 -4.97
C GLU A 154 8.71 -4.35 -4.14
N VAL A 155 8.42 -4.31 -2.84
CA VAL A 155 9.18 -3.51 -1.88
C VAL A 155 9.50 -4.44 -0.73
N MET A 156 10.75 -4.85 -0.61
CA MET A 156 11.21 -5.60 0.54
C MET A 156 11.62 -4.61 1.63
N HIS A 157 11.02 -4.73 2.82
CA HIS A 157 11.36 -3.88 3.96
C HIS A 157 12.37 -4.66 4.81
N ILE A 158 13.60 -4.14 4.88
CA ILE A 158 14.73 -4.86 5.44
C ILE A 158 15.39 -3.97 6.49
N GLU A 159 15.69 -4.56 7.65
CA GLU A 159 16.17 -3.82 8.81
C GLU A 159 16.92 -4.84 9.66
N ILE A 160 17.83 -4.34 10.50
CA ILE A 160 18.41 -5.20 11.52
C ILE A 160 17.29 -5.79 12.40
N GLY A 161 17.47 -7.04 12.83
CA GLY A 161 16.45 -7.75 13.54
C GLY A 161 16.55 -7.57 15.04
N PRO A 162 15.73 -8.33 15.77
CA PRO A 162 15.62 -8.11 17.22
C PRO A 162 16.68 -8.84 18.00
N LEU A 163 17.35 -9.81 17.37
CA LEU A 163 18.45 -10.57 17.96
C LEU A 163 19.70 -10.16 17.22
N ARG A 164 20.70 -9.70 17.96
CA ARG A 164 21.89 -9.11 17.36
C ARG A 164 23.13 -9.55 18.11
N ALA A 165 24.27 -9.53 17.39
CA ALA A 165 25.56 -9.78 18.00
C ALA A 165 25.89 -8.64 18.95
N PRO A 166 26.68 -8.90 20.02
CA PRO A 166 27.37 -10.18 20.25
C PRO A 166 26.54 -11.21 21.00
N MET A 167 25.40 -10.80 21.59
CA MET A 167 24.64 -11.74 22.42
C MET A 167 24.08 -12.89 21.61
N TYR A 168 23.65 -12.60 20.39
CA TYR A 168 22.96 -13.57 19.54
C TYR A 168 23.59 -13.61 18.15
N ARG A 169 23.28 -14.65 17.39
CA ARG A 169 23.41 -14.60 15.93
C ARG A 169 22.74 -13.35 15.37
N ASN A 170 23.38 -12.69 14.40
CA ASN A 170 22.75 -11.51 13.82
C ASN A 170 21.55 -11.97 13.02
N THR A 171 20.43 -11.27 13.19
CA THR A 171 19.23 -11.51 12.41
C THR A 171 18.82 -10.22 11.71
N ALA A 172 17.97 -10.36 10.72
CA ALA A 172 17.43 -9.24 9.99
C ALA A 172 15.95 -9.48 9.75
N TYR A 173 15.21 -8.40 9.58
CA TYR A 173 13.87 -8.48 9.06
C TYR A 173 13.88 -8.42 7.53
N LEU A 174 12.92 -9.12 6.90
CA LEU A 174 12.62 -8.98 5.47
C LEU A 174 11.13 -9.23 5.35
N ASP A 175 10.39 -8.18 4.99
CA ASP A 175 8.94 -8.18 5.08
C ASP A 175 8.43 -7.41 3.88
N PHE A 176 7.58 -8.05 3.08
CA PHE A 176 7.07 -7.37 1.90
C PHE A 176 6.02 -6.30 2.21
N ALA A 177 5.38 -6.38 3.35
CA ALA A 177 4.31 -5.47 3.67
C ALA A 177 4.79 -4.31 4.55
N GLY A 178 5.62 -4.57 5.56
CA GLY A 178 6.11 -3.50 6.38
C GLY A 178 7.11 -4.03 7.40
N VAL A 179 7.95 -3.13 7.88
CA VAL A 179 8.94 -3.50 8.89
C VAL A 179 8.59 -2.78 10.19
N ASN A 180 8.63 -3.52 11.32
CA ASN A 180 8.14 -3.07 12.64
C ASN A 180 6.62 -2.87 12.67
N GLY A 181 6.12 -1.94 11.87
CA GLY A 181 4.69 -1.72 11.79
C GLY A 181 4.13 -2.28 10.50
N GLY A 182 2.90 -2.78 10.56
CA GLY A 182 2.31 -3.35 9.36
C GLY A 182 2.94 -4.65 8.89
N THR A 183 3.53 -5.44 9.80
CA THR A 183 4.28 -6.62 9.39
C THR A 183 3.35 -7.77 8.98
N GLU A 184 3.94 -8.75 8.29
CA GLU A 184 3.20 -9.91 7.80
C GLU A 184 3.62 -11.18 8.54
N ALA A 185 4.32 -11.05 9.66
CA ALA A 185 4.75 -12.25 10.39
C ALA A 185 3.57 -13.08 10.85
N SER A 186 2.58 -12.44 11.49
N SER A 186 2.59 -12.45 11.50
CA SER A 186 1.46 -13.19 12.02
CA SER A 186 1.46 -13.21 12.02
C SER A 186 0.68 -13.85 10.90
C SER A 186 0.69 -13.86 10.89
N ALA A 187 0.53 -13.13 9.77
CA ALA A 187 -0.23 -13.68 8.64
C ALA A 187 0.47 -14.91 8.08
N ARG A 188 1.80 -14.83 7.92
CA ARG A 188 2.57 -15.95 7.42
C ARG A 188 2.45 -17.15 8.35
N TYR A 189 2.44 -16.91 9.66
CA TYR A 189 2.35 -18.02 10.59
C TYR A 189 0.97 -18.68 10.53
N GLU A 190 -0.08 -17.87 10.47
CA GLU A 190 -1.42 -18.44 10.43
C GLU A 190 -1.60 -19.33 9.22
N LYS A 191 -0.84 -19.09 8.15
CA LYS A 191 -0.96 -19.88 6.95
C LYS A 191 -0.25 -21.24 7.08
N CYS A 192 0.82 -21.31 7.87
CA CYS A 192 1.60 -22.54 7.96
C CYS A 192 1.63 -23.14 9.36
N GLN A 193 0.75 -22.68 10.26
CA GLN A 193 0.87 -23.07 11.65
C GLN A 193 0.72 -24.58 11.83
N ALA A 194 -0.01 -25.25 10.95
CA ALA A 194 -0.20 -26.69 11.10
C ALA A 194 1.05 -27.48 10.79
N GLU A 195 2.04 -26.88 10.12
CA GLU A 195 3.29 -27.54 9.76
C GLU A 195 4.35 -27.51 10.85
N PHE A 196 4.07 -26.81 11.95
CA PHE A 196 5.02 -26.63 13.04
C PHE A 196 4.64 -27.55 14.19
N ASP A 197 5.51 -28.52 14.50
CA ASP A 197 5.37 -29.42 15.65
C ASP A 197 6.76 -29.53 16.26
N ILE A 198 7.17 -28.55 17.06
CA ILE A 198 8.56 -28.38 17.46
C ILE A 198 8.72 -29.00 18.84
N LYS A 199 9.66 -29.92 18.97
CA LYS A 199 9.88 -30.62 20.22
C LYS A 199 11.01 -29.97 21.00
N ALA A 200 10.77 -28.73 21.38
CA ALA A 200 11.75 -27.88 22.04
C ALA A 200 10.96 -26.87 22.87
N SER A 201 11.61 -26.39 23.92
CA SER A 201 10.98 -25.34 24.72
C SER A 201 11.32 -23.96 24.17
N LEU A 202 10.63 -22.94 24.69
CA LEU A 202 10.98 -21.58 24.32
C LEU A 202 12.46 -21.29 24.62
N GLY A 203 12.94 -21.71 25.80
CA GLY A 203 14.33 -21.54 26.18
C GLY A 203 15.32 -22.24 25.28
N ASP A 204 14.92 -23.39 24.71
CA ASP A 204 15.75 -24.04 23.70
C ASP A 204 15.88 -23.19 22.44
N LEU A 205 14.77 -22.55 22.00
CA LEU A 205 14.84 -21.69 20.83
C LEU A 205 15.77 -20.53 21.13
N HIS A 206 15.66 -20.00 22.35
CA HIS A 206 16.51 -18.90 22.76
C HIS A 206 17.97 -19.31 22.68
N ASN A 207 18.26 -20.50 23.21
CA ASN A 207 19.62 -21.00 23.28
C ASN A 207 20.21 -21.26 21.92
N TYR A 208 19.39 -21.62 20.93
CA TYR A 208 19.90 -21.79 19.58
C TYR A 208 20.50 -20.50 19.06
N PHE A 209 19.85 -19.36 19.32
CA PHE A 209 20.32 -18.07 18.81
C PHE A 209 21.36 -17.43 19.72
N LEU A 210 21.41 -17.79 21.00
CA LEU A 210 22.42 -17.27 21.90
C LEU A 210 23.84 -17.69 21.47
N GLU A 211 24.75 -16.72 21.41
CA GLU A 211 26.13 -16.95 20.99
C GLU A 211 27.12 -16.79 22.13
N VAL A 212 26.64 -16.52 23.34
CA VAL A 212 27.48 -16.34 24.51
C VAL A 212 27.02 -17.32 25.56
N LEU A 213 27.86 -17.51 26.55
CA LEU A 213 27.48 -18.22 27.77
C LEU A 213 26.48 -17.34 28.51
N PRO A 214 25.34 -17.87 28.95
CA PRO A 214 24.32 -17.00 29.53
C PRO A 214 24.79 -16.36 30.80
N PRO A 215 24.30 -15.16 31.12
CA PRO A 215 24.79 -14.47 32.33
C PRO A 215 24.35 -15.20 33.60
N ALA A 216 25.17 -15.04 34.63
CA ALA A 216 24.86 -15.63 35.93
C ALA A 216 23.48 -15.16 36.42
N GLU A 217 22.73 -16.09 37.00
CA GLU A 217 21.41 -15.79 37.55
C GLU A 217 21.50 -14.65 38.59
N THR A 220 18.15 -11.73 43.93
CA THR A 220 17.42 -10.47 43.82
C THR A 220 16.55 -10.43 42.56
N HIS A 221 15.23 -10.43 42.76
CA HIS A 221 14.27 -10.28 41.68
C HIS A 221 13.44 -9.02 41.89
N SER A 222 13.05 -8.39 40.79
CA SER A 222 12.12 -7.27 40.80
C SER A 222 10.80 -7.74 40.23
N ALA A 223 9.70 -7.38 40.89
CA ALA A 223 8.38 -7.77 40.38
C ALA A 223 8.21 -7.35 38.92
N ALA A 224 8.63 -6.13 38.57
CA ALA A 224 8.29 -5.56 37.26
C ALA A 224 9.49 -4.88 36.62
N GLY A 225 9.85 -5.30 35.42
CA GLY A 225 10.91 -4.66 34.65
C GLY A 225 10.28 -3.85 33.52
N VAL A 226 10.81 -2.64 33.33
CA VAL A 226 10.30 -1.69 32.33
C VAL A 226 11.40 -1.46 31.31
N VAL A 227 11.13 -1.80 30.06
CA VAL A 227 12.07 -1.61 28.95
C VAL A 227 11.82 -0.24 28.32
N LEU A 228 12.83 0.64 28.34
CA LEU A 228 12.70 1.92 27.64
C LEU A 228 13.40 1.82 26.29
N GLN A 229 12.96 2.67 25.36
CA GLN A 229 13.44 2.61 23.98
C GLN A 229 14.05 3.93 23.59
N VAL A 230 14.62 3.97 22.38
CA VAL A 230 15.10 5.23 21.80
C VAL A 230 13.92 6.11 21.41
N GLU A 231 13.92 7.32 21.96
CA GLU A 231 12.72 8.14 21.99
C GLU A 231 12.28 8.53 20.58
N ASP A 232 13.18 8.58 19.61
CA ASP A 232 12.81 9.01 18.27
C ASP A 232 13.11 7.94 17.23
N CYS A 233 13.12 6.68 17.63
CA CYS A 233 13.15 5.60 16.66
C CYS A 233 11.77 5.52 16.01
N SER A 234 11.73 5.18 14.72
CA SER A 234 10.46 5.09 14.00
C SER A 234 9.38 4.34 14.76
N ASN A 235 9.71 3.26 15.48
CA ASN A 235 8.58 2.52 16.06
C ASN A 235 8.09 3.07 17.41
N LEU A 236 8.78 4.05 17.99
CA LEU A 236 8.19 4.89 19.01
C LEU A 236 7.52 6.13 18.44
N ILE A 237 7.73 6.44 17.16
CA ILE A 237 7.04 7.58 16.54
C ILE A 237 5.73 7.17 15.89
N ALA A 238 5.73 6.02 15.22
CA ALA A 238 4.62 5.65 14.34
C ALA A 238 3.86 4.42 14.80
N TYR A 239 4.51 3.45 15.43
CA TYR A 239 3.91 2.15 15.73
C TYR A 239 3.70 1.93 17.23
N ASN A 240 3.62 3.01 18.02
CA ASN A 240 3.67 2.92 19.47
C ASN A 240 2.29 2.93 20.11
N HIS A 241 1.23 3.06 19.30
CA HIS A 241 -0.12 3.24 19.85
C HIS A 241 -0.15 4.38 20.85
N ASP A 242 0.55 5.47 20.54
CA ASP A 242 0.62 6.70 21.28
C ASP A 242 1.44 6.62 22.56
N PHE A 243 1.92 5.43 22.95
CA PHE A 243 2.70 5.29 24.17
C PHE A 243 4.09 5.87 23.98
N THR A 244 4.66 6.35 25.08
CA THR A 244 6.02 6.88 25.13
C THR A 244 6.75 6.27 26.31
N ASN A 245 8.05 6.51 26.40
CA ASN A 245 8.75 6.01 27.60
C ASN A 245 8.06 6.50 28.87
N ILE A 246 7.62 7.76 28.90
CA ILE A 246 7.11 8.29 30.15
C ILE A 246 5.71 7.71 30.45
N SER A 247 4.90 7.47 29.42
CA SER A 247 3.56 6.92 29.68
C SER A 247 3.65 5.40 29.93
N LEU A 248 4.68 4.75 29.37
CA LEU A 248 4.93 3.37 29.74
C LEU A 248 5.26 3.30 31.21
N LEU A 249 6.09 4.20 31.69
CA LEU A 249 6.41 4.20 33.10
C LEU A 249 5.17 4.46 33.96
N SER A 250 4.34 5.42 33.56
CA SER A 250 3.11 5.67 34.31
C SER A 250 2.19 4.43 34.30
N TYR A 251 2.08 3.80 33.15
CA TYR A 251 1.32 2.56 33.04
C TYR A 251 1.76 1.55 34.09
N VAL A 252 3.06 1.30 34.20
CA VAL A 252 3.57 0.32 35.15
C VAL A 252 3.32 0.77 36.58
N ARG A 253 3.40 2.08 36.82
CA ARG A 253 3.15 2.61 38.18
C ARG A 253 1.70 2.50 38.62
N GLN A 254 0.76 2.37 37.70
CA GLN A 254 -0.62 2.07 38.08
C GLN A 254 -0.73 0.68 38.69
N ARG A 255 0.23 -0.20 38.38
CA ARG A 255 0.16 -1.60 38.78
C ARG A 255 1.17 -2.00 39.84
N TYR A 256 2.24 -1.22 40.03
CA TYR A 256 3.28 -1.56 40.99
C TYR A 256 3.78 -0.31 41.71
N GLU A 257 4.11 -0.45 42.98
CA GLU A 257 4.77 0.66 43.67
C GLU A 257 6.24 0.70 43.25
N LYS A 258 6.86 1.87 43.40
CA LYS A 258 8.14 2.10 42.74
C LYS A 258 9.20 1.14 43.24
N GLU A 259 9.09 0.71 44.50
CA GLU A 259 10.06 -0.20 45.08
C GLU A 259 10.11 -1.51 44.31
N ASP A 260 9.06 -1.83 43.54
CA ASP A 260 8.97 -3.10 42.85
C ASP A 260 9.23 -2.96 41.36
N ILE A 261 9.67 -1.79 40.90
CA ILE A 261 9.93 -1.51 39.49
C ILE A 261 11.43 -1.40 39.23
N LEU A 262 11.88 -2.03 38.17
CA LEU A 262 13.26 -1.95 37.72
C LEU A 262 13.25 -1.44 36.29
N VAL A 263 13.89 -0.30 36.07
CA VAL A 263 13.82 0.40 34.79
C VAL A 263 15.17 0.32 34.08
N ARG A 264 15.17 -0.11 32.82
CA ARG A 264 16.39 -0.15 32.00
C ARG A 264 16.25 0.84 30.86
N ALA A 265 17.06 1.89 30.86
CA ALA A 265 17.15 2.78 29.72
C ALA A 265 17.85 2.08 28.55
N HIS A 266 17.50 2.52 27.36
CA HIS A 266 18.07 2.02 26.15
C HIS A 266 19.47 2.60 26.03
N PRO A 267 20.51 1.77 25.89
CA PRO A 267 21.89 2.32 25.82
C PRO A 267 22.04 3.30 24.70
N GLY A 268 21.22 3.22 23.65
CA GLY A 268 21.28 4.15 22.54
C GLY A 268 20.50 5.44 22.74
N SER A 269 19.70 5.53 23.79
CA SER A 269 18.90 6.73 23.98
C SER A 269 19.80 7.91 24.35
N LEU A 270 19.35 9.10 24.03
CA LEU A 270 20.08 10.26 24.50
C LEU A 270 19.83 10.56 25.97
N PHE A 271 18.82 9.92 26.58
CA PHE A 271 18.40 10.20 27.96
C PHE A 271 18.67 9.00 28.83
N ARG A 272 19.07 9.27 30.07
CA ARG A 272 19.17 8.28 31.11
C ARG A 272 18.26 8.71 32.25
N LEU A 273 18.09 7.83 33.21
CA LEU A 273 17.17 8.09 34.30
C LEU A 273 17.88 8.68 35.49
N ARG A 274 17.18 9.58 36.17
CA ARG A 274 17.70 10.12 37.41
C ARG A 274 17.80 9.02 38.45
N ASP A 275 18.81 9.16 39.31
CA ASP A 275 19.30 8.03 40.08
C ASP A 275 18.47 7.73 41.31
N ASP A 276 17.47 8.55 41.65
CA ASP A 276 16.87 8.48 42.97
C ASP A 276 15.36 8.36 42.99
N VAL A 277 14.73 8.03 41.87
CA VAL A 277 13.29 7.80 41.88
C VAL A 277 13.00 6.30 41.82
N PHE A 278 13.33 5.66 40.70
CA PHE A 278 13.14 4.24 40.52
C PHE A 278 14.47 3.54 40.77
N THR A 279 14.40 2.21 40.90
CA THR A 279 15.59 1.37 40.86
C THR A 279 16.00 1.28 39.39
N ILE A 280 17.22 1.71 39.07
CA ILE A 280 17.70 1.79 37.70
C ILE A 280 18.55 0.56 37.42
N ASP A 281 18.23 -0.17 36.36
CA ASP A 281 19.04 -1.31 35.97
C ASP A 281 20.40 -0.84 35.46
N ASP A 282 21.44 -1.57 35.82
CA ASP A 282 22.79 -1.32 35.32
C ASP A 282 23.42 -2.60 34.75
N SER A 283 22.62 -3.55 34.28
CA SER A 283 23.14 -4.80 33.74
C SER A 283 24.00 -4.51 32.52
N ALA A 284 24.90 -5.43 32.21
CA ALA A 284 25.78 -5.27 31.05
C ALA A 284 25.03 -5.55 29.74
N ASN A 285 23.87 -6.19 29.80
CA ASN A 285 23.05 -6.45 28.62
C ASN A 285 21.60 -6.63 29.06
N SER A 286 20.70 -6.70 28.06
CA SER A 286 19.26 -6.74 28.35
C SER A 286 18.84 -8.12 28.84
N LEU A 287 19.63 -9.13 28.56
CA LEU A 287 19.25 -10.45 29.03
C LEU A 287 19.43 -10.55 30.53
N ALA A 288 20.55 -10.02 31.04
CA ALA A 288 20.76 -10.04 32.46
C ALA A 288 19.70 -9.21 33.16
N PHE A 289 19.22 -8.16 32.51
CA PHE A 289 18.21 -7.30 33.11
C PHE A 289 16.89 -8.04 33.23
N ILE A 290 16.43 -8.66 32.12
CA ILE A 290 15.13 -9.32 32.18
C ILE A 290 15.16 -10.56 33.08
N ASN A 291 16.31 -11.21 33.19
CA ASN A 291 16.43 -12.31 34.14
C ASN A 291 16.17 -11.92 35.58
N GLN A 292 16.35 -10.66 35.94
CA GLN A 292 16.08 -10.18 37.29
C GLN A 292 14.62 -9.80 37.50
N CYS A 293 13.78 -9.94 36.49
CA CYS A 293 12.41 -9.43 36.50
C CYS A 293 11.41 -10.58 36.49
N ASN A 294 10.33 -10.43 37.24
CA ASN A 294 9.28 -11.43 37.25
C ASN A 294 8.35 -11.26 36.08
N GLU A 295 8.14 -10.01 35.64
CA GLU A 295 7.35 -9.71 34.45
C GLU A 295 7.88 -8.43 33.80
N VAL A 296 7.74 -8.35 32.48
CA VAL A 296 8.38 -7.32 31.68
C VAL A 296 7.33 -6.51 30.92
N PHE A 297 7.56 -5.21 30.83
CA PHE A 297 6.68 -4.30 30.13
C PHE A 297 7.48 -3.59 29.05
N THR A 298 6.89 -3.48 27.87
CA THR A 298 7.50 -2.82 26.72
C THR A 298 6.43 -2.25 25.80
N ILE A 299 6.85 -1.24 25.05
CA ILE A 299 6.06 -0.70 23.94
C ILE A 299 6.26 -1.66 22.78
N ASN A 300 7.47 -1.66 22.19
CA ASN A 300 7.73 -2.58 21.09
C ASN A 300 9.22 -2.82 20.92
N SER A 301 9.94 -2.88 22.01
CA SER A 301 11.37 -3.11 21.96
C SER A 301 11.68 -4.54 21.53
N SER A 302 12.82 -4.69 20.84
CA SER A 302 13.39 -6.01 20.62
C SER A 302 13.49 -6.83 21.91
N VAL A 303 13.69 -6.16 23.04
CA VAL A 303 13.85 -6.86 24.32
C VAL A 303 12.57 -7.61 24.70
N GLY A 304 11.41 -7.16 24.24
CA GLY A 304 10.19 -7.92 24.49
C GLY A 304 10.26 -9.36 23.97
N LEU A 305 10.91 -9.54 22.82
CA LEU A 305 11.10 -10.89 22.29
C LEU A 305 11.98 -11.70 23.21
N GLU A 306 13.05 -11.09 23.72
CA GLU A 306 13.90 -11.80 24.68
C GLU A 306 13.12 -12.23 25.89
N ALA A 307 12.25 -11.35 26.40
CA ALA A 307 11.45 -11.70 27.57
C ALA A 307 10.56 -12.90 27.26
N ILE A 308 9.87 -12.86 26.12
CA ILE A 308 8.99 -13.96 25.76
C ILE A 308 9.78 -15.26 25.69
N LEU A 309 10.92 -15.24 25.00
CA LEU A 309 11.66 -16.47 24.75
C LEU A 309 12.29 -17.06 26.02
N THR A 310 12.54 -16.24 27.04
CA THR A 310 12.97 -16.78 28.32
C THR A 310 11.78 -17.08 29.24
N GLY A 311 10.56 -16.98 28.74
CA GLY A 311 9.41 -17.43 29.51
C GLY A 311 8.86 -16.45 30.49
N LYS A 312 9.17 -15.17 30.34
CA LYS A 312 8.72 -14.18 31.29
C LYS A 312 7.37 -13.66 30.82
N LYS A 313 6.45 -13.39 31.76
CA LYS A 313 5.21 -12.72 31.44
C LYS A 313 5.57 -11.37 30.87
N THR A 314 5.14 -11.09 29.65
CA THR A 314 5.52 -9.86 28.95
C THR A 314 4.28 -9.12 28.49
N THR A 315 4.26 -7.80 28.68
CA THR A 315 3.21 -6.91 28.18
C THR A 315 3.78 -6.04 27.07
N VAL A 316 3.10 -6.05 25.92
CA VAL A 316 3.55 -5.39 24.70
C VAL A 316 2.49 -4.37 24.32
N LEU A 317 2.81 -3.09 24.40
CA LEU A 317 1.78 -2.09 24.24
C LEU A 317 1.74 -1.51 22.84
N GLY A 318 2.80 -1.67 22.07
CA GLY A 318 2.84 -1.13 20.73
C GLY A 318 2.74 -2.24 19.71
N ASP A 319 2.72 -1.83 18.44
N ASP A 319 2.70 -1.84 18.44
CA ASP A 319 2.73 -2.78 17.33
CA ASP A 319 2.72 -2.80 17.35
C ASP A 319 4.16 -3.24 17.06
C ASP A 319 4.15 -3.24 17.07
N CYS A 320 4.32 -4.53 16.75
CA CYS A 320 5.65 -5.07 16.45
C CYS A 320 5.49 -6.47 15.85
N SER A 321 6.59 -6.96 15.25
CA SER A 321 6.60 -8.20 14.49
C SER A 321 6.32 -9.44 15.33
N TYR A 322 6.67 -9.40 16.61
CA TYR A 322 6.65 -10.59 17.45
C TYR A 322 5.42 -10.66 18.36
N ALA A 323 4.62 -9.60 18.40
CA ALA A 323 3.51 -9.52 19.36
C ALA A 323 2.58 -10.73 19.26
N PHE A 324 2.33 -11.23 18.03
CA PHE A 324 1.38 -12.33 17.87
C PHE A 324 1.82 -13.59 18.59
N ILE A 325 3.12 -13.78 18.76
CA ILE A 325 3.60 -14.90 19.59
C ILE A 325 3.02 -14.82 21.00
N ASN A 326 3.05 -13.62 21.59
CA ASN A 326 2.62 -13.40 22.97
C ASN A 326 1.11 -13.50 23.15
N GLU A 327 0.33 -13.47 22.08
CA GLU A 327 -1.13 -13.51 22.16
C GLU A 327 -1.73 -14.90 22.03
N LEU A 328 -0.90 -15.93 21.97
CA LEU A 328 -1.37 -17.30 21.92
C LEU A 328 -1.49 -17.83 23.34
N ALA A 329 -2.47 -18.71 23.53
CA ALA A 329 -2.75 -19.29 24.85
C ALA A 329 -1.86 -20.49 25.16
N GLY A 330 -1.91 -21.52 24.32
CA GLY A 330 -1.17 -22.75 24.62
C GLY A 330 0.34 -22.56 24.67
N ALA A 331 0.96 -23.32 25.57
CA ALA A 331 2.42 -23.34 25.62
C ALA A 331 2.98 -23.94 24.34
N SER A 332 2.37 -25.01 23.81
CA SER A 332 2.86 -25.61 22.57
C SER A 332 2.65 -24.66 21.39
N ALA A 333 1.49 -23.99 21.36
CA ALA A 333 1.25 -23.03 20.27
C ALA A 333 2.26 -21.89 20.32
N THR A 334 2.60 -21.40 21.52
CA THR A 334 3.57 -20.32 21.61
C THR A 334 4.94 -20.78 21.09
N VAL A 335 5.35 -22.00 21.41
CA VAL A 335 6.62 -22.49 20.92
C VAL A 335 6.61 -22.57 19.40
N ASN A 336 5.52 -23.10 18.83
CA ASN A 336 5.45 -23.26 17.38
C ASN A 336 5.50 -21.93 16.68
N ALA A 337 4.81 -20.93 17.23
CA ALA A 337 4.83 -19.60 16.65
C ALA A 337 6.23 -19.00 16.77
N ALA A 338 6.85 -19.16 17.93
CA ALA A 338 8.20 -18.63 18.12
C ALA A 338 9.20 -19.26 17.15
N ALA A 339 9.08 -20.59 16.96
CA ALA A 339 9.96 -21.31 16.04
C ALA A 339 9.76 -20.79 14.63
N PHE A 340 8.52 -20.61 14.22
CA PHE A 340 8.29 -20.02 12.89
C PHE A 340 8.91 -18.63 12.80
N TYR A 341 8.70 -17.83 13.85
CA TYR A 341 9.21 -16.46 13.83
C TYR A 341 10.72 -16.45 13.63
N LEU A 342 11.41 -17.25 14.43
CA LEU A 342 12.86 -17.23 14.52
C LEU A 342 13.54 -17.88 13.32
N PHE A 343 12.96 -18.96 12.78
CA PHE A 343 13.59 -19.68 11.68
C PHE A 343 13.06 -19.30 10.31
N SER A 344 11.85 -18.78 10.20
CA SER A 344 11.30 -18.41 8.90
C SER A 344 11.07 -16.91 8.71
N TYR A 345 10.49 -16.21 9.68
CA TYR A 345 10.32 -14.76 9.50
C TYR A 345 11.64 -13.99 9.58
N LEU A 346 12.35 -14.16 10.68
CA LEU A 346 13.68 -13.59 10.77
C LEU A 346 14.61 -14.24 9.76
N VAL A 347 15.56 -13.46 9.24
CA VAL A 347 16.48 -13.93 8.21
C VAL A 347 17.88 -13.84 8.81
N PRO A 348 18.77 -14.80 8.56
CA PRO A 348 20.19 -14.60 8.89
C PRO A 348 20.66 -13.28 8.30
N PHE A 349 21.29 -12.47 9.15
CA PHE A 349 21.51 -11.07 8.86
C PHE A 349 22.18 -10.88 7.51
N ASP A 350 23.29 -11.61 7.25
CA ASP A 350 24.06 -11.43 6.01
C ASP A 350 23.25 -11.74 4.77
N LEU A 351 22.24 -12.60 4.89
CA LEU A 351 21.54 -13.03 3.69
C LEU A 351 20.68 -11.92 3.08
N VAL A 352 20.19 -10.96 3.88
CA VAL A 352 19.37 -9.87 3.35
C VAL A 352 20.22 -8.88 2.55
N PHE A 353 21.54 -9.09 2.52
CA PHE A 353 22.46 -8.31 1.69
C PHE A 353 23.03 -9.16 0.57
N ASN A 354 22.50 -10.36 0.37
CA ASN A 354 23.04 -11.30 -0.60
C ASN A 354 22.07 -11.34 -1.76
N GLN A 355 22.52 -10.96 -2.95
CA GLN A 355 21.58 -10.77 -4.05
C GLN A 355 20.90 -12.09 -4.43
N GLU A 356 21.64 -13.20 -4.39
CA GLU A 356 21.07 -14.50 -4.70
C GLU A 356 19.92 -14.84 -3.75
N TYR A 357 20.12 -14.64 -2.43
CA TYR A 357 19.03 -14.91 -1.50
C TYR A 357 17.82 -14.00 -1.76
N LEU A 358 18.07 -12.72 -2.06
CA LEU A 358 16.97 -11.79 -2.33
C LEU A 358 16.17 -12.22 -3.56
N LYS A 359 16.85 -12.69 -4.62
CA LYS A 359 16.09 -13.18 -5.76
C LYS A 359 15.29 -14.42 -5.39
N PHE A 360 15.88 -15.31 -4.61
CA PHE A 360 15.15 -16.45 -4.04
C PHE A 360 13.85 -16.00 -3.35
N ARG A 361 13.93 -15.03 -2.43
CA ARG A 361 12.71 -14.59 -1.75
C ARG A 361 11.73 -13.88 -2.69
N LEU A 362 12.23 -13.16 -3.69
CA LEU A 362 11.36 -12.51 -4.65
C LEU A 362 10.50 -13.50 -5.42
N GLY A 363 10.85 -14.79 -5.42
CA GLY A 363 9.98 -15.79 -6.01
C GLY A 363 8.88 -16.28 -5.09
N HIS A 364 8.81 -15.72 -3.89
CA HIS A 364 7.84 -16.15 -2.89
C HIS A 364 7.76 -17.69 -2.73
N PRO A 365 8.86 -18.29 -2.28
CA PRO A 365 8.86 -19.74 -2.09
C PRO A 365 8.09 -20.15 -0.85
N GLU A 366 7.93 -21.45 -0.68
CA GLU A 366 7.18 -22.00 0.43
C GLU A 366 7.95 -21.87 1.73
N GLU A 367 7.22 -21.81 2.84
CA GLU A 367 7.84 -21.67 4.15
C GLU A 367 8.93 -22.72 4.37
N ARG A 368 8.69 -23.93 3.88
CA ARG A 368 9.67 -24.98 4.02
C ARG A 368 11.01 -24.61 3.36
N GLU A 369 10.96 -24.07 2.14
CA GLU A 369 12.21 -23.69 1.47
C GLU A 369 12.89 -22.56 2.21
N ILE A 370 12.11 -21.59 2.72
CA ILE A 370 12.74 -20.47 3.44
C ILE A 370 13.48 -20.99 4.66
N VAL A 371 12.79 -21.77 5.51
CA VAL A 371 13.41 -22.35 6.70
C VAL A 371 14.65 -23.15 6.30
N GLY A 372 14.57 -23.94 5.22
CA GLY A 372 15.71 -24.73 4.80
C GLY A 372 16.92 -23.87 4.46
N LYS A 373 16.70 -22.73 3.81
CA LYS A 373 17.84 -21.87 3.45
C LYS A 373 18.43 -21.15 4.68
N HIS A 374 17.58 -20.81 5.63
CA HIS A 374 18.09 -20.20 6.85
C HIS A 374 18.89 -21.20 7.68
N ILE A 375 18.37 -22.40 7.88
CA ILE A 375 19.11 -23.41 8.64
C ILE A 375 20.43 -23.78 7.95
N GLU A 376 20.45 -23.83 6.62
CA GLU A 376 21.71 -24.08 5.92
C GLU A 376 22.75 -23.03 6.28
N PHE A 377 22.34 -21.76 6.35
CA PHE A 377 23.27 -20.70 6.75
C PHE A 377 23.68 -20.84 8.22
N TYR A 378 22.71 -21.09 9.11
CA TYR A 378 23.04 -21.19 10.53
C TYR A 378 23.89 -22.42 10.81
N SER A 379 23.74 -23.47 9.99
CA SER A 379 24.46 -24.74 10.17
C SER A 379 25.79 -24.77 9.45
N ALA A 380 26.19 -23.67 8.81
CA ALA A 380 27.33 -23.66 7.89
C ALA A 380 28.59 -24.23 8.56
N ASP A 381 28.83 -23.83 9.82
CA ASP A 381 30.00 -24.29 10.54
C ASP A 381 29.72 -25.52 11.41
N MET A 382 28.67 -26.27 11.08
CA MET A 382 28.41 -27.46 11.87
C MET A 382 29.18 -28.65 11.29
N PRO A 383 29.69 -29.53 12.17
CA PRO A 383 30.39 -30.77 11.78
C PRO A 383 29.45 -31.78 11.10
N HIS A 391 14.03 -33.91 4.68
CA HIS A 391 13.34 -33.47 5.86
C HIS A 391 12.09 -32.62 5.55
N SER A 392 11.11 -32.66 6.42
CA SER A 392 10.03 -31.68 6.42
C SER A 392 10.45 -30.41 7.18
N LEU A 393 9.49 -29.54 7.46
CA LEU A 393 9.81 -28.28 8.10
C LEU A 393 10.14 -28.51 9.58
N SER A 394 9.23 -29.18 10.31
CA SER A 394 9.49 -29.46 11.72
C SER A 394 10.73 -30.33 11.88
N SER A 395 10.91 -31.32 11.00
CA SER A 395 12.08 -32.19 11.14
C SER A 395 13.36 -31.40 10.96
N LEU A 396 13.35 -30.43 10.04
CA LEU A 396 14.54 -29.58 9.85
C LEU A 396 14.86 -28.75 11.08
N ILE A 397 13.84 -28.12 11.67
CA ILE A 397 14.03 -27.30 12.86
C ILE A 397 14.38 -28.16 14.05
N ASN A 398 13.65 -29.27 14.27
CA ASN A 398 13.99 -30.17 15.38
C ASN A 398 15.41 -30.71 15.25
N GLU A 399 15.81 -31.14 14.06
CA GLU A 399 17.16 -31.67 13.88
C GLU A 399 18.20 -30.56 14.08
N ALA A 400 17.92 -29.36 13.57
CA ALA A 400 18.84 -28.26 13.79
C ALA A 400 19.02 -27.96 15.27
N ILE A 401 17.93 -27.91 16.03
CA ILE A 401 18.03 -27.73 17.47
C ILE A 401 18.82 -28.88 18.09
N SER A 402 18.59 -30.11 17.65
CA SER A 402 19.29 -31.24 18.28
C SER A 402 20.80 -31.23 18.02
N LEU A 403 21.24 -30.80 16.85
CA LEU A 403 22.69 -30.76 16.60
C LEU A 403 23.39 -29.73 17.48
N GLU A 404 22.72 -28.59 17.75
CA GLU A 404 23.18 -27.67 18.79
C GLU A 404 23.07 -28.30 20.17
N HIS A 405 22.12 -29.19 20.36
CA HIS A 405 21.92 -29.86 21.66
C HIS A 405 23.19 -30.55 22.14
N HIS A 406 23.98 -31.12 21.23
CA HIS A 406 25.14 -31.90 21.63
C HIS A 406 26.47 -31.40 21.09
N HIS A 407 26.46 -30.34 20.29
CA HIS A 407 27.69 -29.65 19.90
C HIS A 407 27.68 -28.21 20.43
N GLY B 2 -3.94 -16.79 -14.05
CA GLY B 2 -5.41 -16.63 -13.77
C GLY B 2 -5.70 -15.31 -13.07
N LEU B 3 -6.93 -14.85 -13.20
CA LEU B 3 -7.39 -13.64 -12.53
C LEU B 3 -8.01 -13.99 -11.20
N ALA B 4 -7.87 -13.08 -10.25
CA ALA B 4 -8.54 -13.16 -8.95
C ALA B 4 -9.35 -11.86 -8.80
N VAL B 5 -10.68 -11.95 -8.95
CA VAL B 5 -11.56 -10.79 -9.03
C VAL B 5 -12.29 -10.66 -7.69
N PHE B 6 -12.10 -9.54 -7.03
CA PHE B 6 -12.59 -9.30 -5.69
C PHE B 6 -13.85 -8.45 -5.79
N LEU B 7 -14.98 -9.00 -5.36
CA LEU B 7 -16.28 -8.33 -5.45
C LEU B 7 -16.97 -8.51 -4.09
N PRO B 8 -16.67 -7.65 -3.13
CA PRO B 8 -17.15 -7.89 -1.76
C PRO B 8 -18.63 -7.81 -1.66
N PRO B 9 -19.28 -8.60 -0.77
CA PRO B 9 -20.73 -8.64 -0.65
C PRO B 9 -21.30 -7.73 0.42
N TYR B 10 -20.43 -7.06 1.16
CA TYR B 10 -20.88 -6.22 2.26
C TYR B 10 -21.88 -5.17 1.77
N PRO B 11 -23.14 -5.17 2.26
CA PRO B 11 -24.15 -4.20 1.76
C PRO B 11 -24.07 -2.84 2.46
N PHE B 12 -22.93 -2.16 2.29
CA PHE B 12 -22.69 -0.91 2.98
C PHE B 12 -23.79 0.09 2.70
N ARG B 13 -24.27 0.12 1.44
CA ARG B 13 -25.36 1.01 1.01
C ARG B 13 -26.75 0.43 1.24
N GLY B 14 -26.85 -0.78 1.80
CA GLY B 14 -28.09 -1.43 2.07
C GLY B 14 -28.59 -2.33 0.95
N LEU B 15 -27.81 -2.49 -0.12
CA LEU B 15 -28.16 -3.35 -1.24
C LEU B 15 -27.27 -4.58 -1.29
N LYS B 16 -27.88 -5.74 -1.43
CA LYS B 16 -27.14 -6.98 -1.51
C LYS B 16 -26.42 -7.10 -2.86
N ALA B 17 -25.28 -7.81 -2.85
CA ALA B 17 -24.47 -7.98 -4.06
C ALA B 17 -24.30 -6.65 -4.80
N PRO B 18 -23.60 -5.68 -4.20
CA PRO B 18 -23.57 -4.33 -4.81
C PRO B 18 -22.90 -4.27 -6.17
N TYR B 19 -21.96 -5.16 -6.46
CA TYR B 19 -21.15 -5.09 -7.68
C TYR B 19 -21.55 -6.21 -8.65
N LEU B 20 -22.82 -6.60 -8.59
CA LEU B 20 -23.29 -7.71 -9.40
C LEU B 20 -22.93 -7.53 -10.87
N TRP B 21 -23.03 -6.29 -11.40
CA TRP B 21 -22.86 -6.10 -12.85
C TRP B 21 -21.47 -6.55 -13.28
N MET B 22 -20.45 -6.27 -12.48
CA MET B 22 -19.10 -6.66 -12.88
C MET B 22 -18.93 -8.18 -12.80
N PHE B 23 -19.56 -8.80 -11.82
CA PHE B 23 -19.56 -10.26 -11.74
C PHE B 23 -20.10 -10.84 -13.05
N TYR B 24 -21.25 -10.33 -13.52
CA TYR B 24 -21.84 -10.85 -14.75
C TYR B 24 -20.96 -10.53 -15.95
N LYS B 25 -20.31 -9.37 -15.97
CA LYS B 25 -19.50 -8.99 -17.13
C LYS B 25 -18.26 -9.87 -17.23
N TYR B 26 -17.57 -10.10 -16.12
CA TYR B 26 -16.42 -11.00 -16.17
C TYR B 26 -16.83 -12.40 -16.58
N LEU B 27 -17.93 -12.90 -16.00
CA LEU B 27 -18.41 -14.23 -16.38
C LEU B 27 -18.65 -14.33 -17.89
N HIS B 28 -19.26 -13.31 -18.47
CA HIS B 28 -19.63 -13.34 -19.88
C HIS B 28 -18.44 -13.26 -20.82
N CSO B 29 -17.44 -12.45 -20.48
CA CSO B 29 -16.27 -12.29 -21.33
CB CSO B 29 -15.67 -10.86 -21.23
SG CSO B 29 -16.90 -9.51 -21.38
C CSO B 29 -15.18 -13.27 -21.00
O CSO B 29 -14.11 -13.23 -21.61
OD CSO B 29 -16.99 -9.01 -23.15
H CSO B 29 -17.43 -11.99 -19.76
HA CSO B 29 -16.58 -12.44 -22.26
HB2 CSO B 29 -15.02 -10.74 -21.93
HB3 CSO B 29 -15.25 -10.78 -20.36
HD CSO B 29 -17.21 -9.79 -23.69
N ALA B 30 -15.44 -14.15 -20.03
CA ALA B 30 -14.41 -15.03 -19.49
C ALA B 30 -13.85 -15.92 -20.60
N THR B 31 -12.54 -15.94 -20.76
CA THR B 31 -11.85 -16.85 -21.68
C THR B 31 -11.00 -17.87 -20.94
N ASP B 32 -11.11 -17.91 -19.61
CA ASP B 32 -10.36 -18.85 -18.78
C ASP B 32 -11.15 -19.02 -17.48
N SER B 33 -10.68 -19.93 -16.62
CA SER B 33 -11.18 -19.97 -15.26
C SER B 33 -10.74 -18.73 -14.47
N ILE B 34 -11.67 -18.15 -13.73
CA ILE B 34 -11.44 -16.98 -12.91
C ILE B 34 -11.68 -17.36 -11.45
N LEU B 35 -10.84 -16.81 -10.56
CA LEU B 35 -11.06 -16.93 -9.14
C LEU B 35 -11.89 -15.72 -8.72
N PHE B 36 -13.10 -15.96 -8.22
CA PHE B 36 -13.95 -14.88 -7.69
C PHE B 36 -13.89 -14.89 -6.17
N ILE B 37 -13.57 -13.75 -5.58
CA ILE B 37 -13.56 -13.58 -4.13
C ILE B 37 -14.74 -12.66 -3.83
N THR B 38 -15.84 -13.26 -3.39
CA THR B 38 -17.10 -12.52 -3.36
C THR B 38 -17.94 -12.99 -2.17
N GLY B 39 -19.27 -12.96 -2.32
CA GLY B 39 -20.15 -13.47 -1.30
C GLY B 39 -21.21 -14.34 -1.92
N GLU B 40 -21.82 -15.17 -1.08
CA GLU B 40 -22.85 -16.08 -1.57
C GLU B 40 -24.00 -15.31 -2.21
N ASP B 41 -24.28 -14.08 -1.75
CA ASP B 41 -25.37 -13.31 -2.30
C ASP B 41 -25.21 -13.12 -3.81
N TYR B 42 -23.96 -13.04 -4.27
CA TYR B 42 -23.74 -12.89 -5.71
C TYR B 42 -24.21 -14.13 -6.45
N LEU B 43 -24.15 -15.28 -5.80
CA LEU B 43 -24.54 -16.53 -6.45
C LEU B 43 -26.02 -16.87 -6.26
N SER B 44 -26.65 -16.34 -5.21
CA SER B 44 -28.05 -16.64 -4.95
C SER B 44 -28.97 -15.75 -5.79
N VAL B 45 -28.60 -14.48 -5.97
CA VAL B 45 -29.51 -13.52 -6.58
C VAL B 45 -29.90 -13.91 -8.00
N THR B 46 -29.08 -14.75 -8.66
CA THR B 46 -29.36 -15.19 -10.02
C THR B 46 -30.70 -15.91 -10.08
N ASP B 47 -30.77 -17.10 -9.46
CA ASP B 47 -32.00 -17.89 -9.41
C ASP B 47 -32.93 -17.40 -8.31
N ASP B 48 -32.94 -16.09 -8.07
CA ASP B 48 -33.76 -15.48 -7.02
C ASP B 48 -34.47 -14.28 -7.63
N GLU B 49 -35.79 -14.39 -7.80
CA GLU B 49 -36.56 -13.37 -8.48
C GLU B 49 -37.43 -12.55 -7.52
N ALA B 50 -37.11 -12.60 -6.22
CA ALA B 50 -37.60 -11.58 -5.30
C ALA B 50 -37.02 -10.22 -5.63
N GLN B 51 -35.80 -10.20 -6.19
CA GLN B 51 -35.09 -8.97 -6.55
C GLN B 51 -34.57 -9.08 -7.99
N ARG B 52 -35.44 -9.51 -8.90
CA ARG B 52 -35.14 -9.52 -10.32
C ARG B 52 -35.64 -8.26 -11.02
N ALA B 53 -36.14 -7.28 -10.26
CA ALA B 53 -36.40 -5.94 -10.80
C ALA B 53 -35.16 -5.06 -10.79
N ARG B 54 -34.04 -5.56 -10.27
CA ARG B 54 -32.81 -4.80 -10.25
C ARG B 54 -32.39 -4.43 -11.66
N TRP B 55 -31.70 -3.28 -11.78
CA TRP B 55 -31.28 -2.80 -13.09
C TRP B 55 -30.33 -3.77 -13.78
N GLU B 56 -29.55 -4.55 -13.01
CA GLU B 56 -28.62 -5.50 -13.62
C GLU B 56 -29.34 -6.53 -14.50
N PHE B 57 -30.64 -6.74 -14.30
CA PHE B 57 -31.41 -7.70 -15.09
C PHE B 57 -32.21 -7.01 -16.18
N ASP B 58 -32.04 -5.72 -16.39
CA ASP B 58 -32.78 -4.99 -17.44
C ASP B 58 -32.11 -5.22 -18.79
N PRO B 59 -32.80 -5.78 -19.78
CA PRO B 59 -32.13 -6.03 -21.07
C PRO B 59 -31.44 -4.80 -21.66
N ALA B 60 -31.94 -3.60 -21.41
CA ALA B 60 -31.23 -2.39 -21.86
C ALA B 60 -29.87 -2.24 -21.15
N SER B 61 -29.82 -2.42 -19.83
CA SER B 61 -28.54 -2.35 -19.13
C SER B 61 -27.57 -3.43 -19.62
N MET B 62 -28.09 -4.62 -19.87
CA MET B 62 -27.26 -5.70 -20.41
C MET B 62 -26.60 -5.30 -21.72
N ALA B 63 -27.38 -4.74 -22.66
CA ALA B 63 -26.83 -4.37 -23.97
C ALA B 63 -25.87 -3.19 -23.86
N SER B 64 -26.14 -2.24 -22.97
CA SER B 64 -25.27 -1.08 -22.87
C SER B 64 -23.90 -1.47 -22.31
N LEU B 65 -23.87 -2.38 -21.33
CA LEU B 65 -22.62 -2.84 -20.73
C LEU B 65 -22.05 -4.10 -21.39
N GLY B 66 -22.82 -4.71 -22.28
CA GLY B 66 -22.32 -5.80 -23.10
C GLY B 66 -22.17 -7.10 -22.35
N TYR B 67 -23.23 -7.60 -21.72
CA TYR B 67 -23.14 -8.90 -21.06
C TYR B 67 -24.50 -9.60 -21.09
N GLU B 68 -24.46 -10.92 -20.96
CA GLU B 68 -25.64 -11.76 -20.82
C GLU B 68 -25.70 -12.31 -19.40
N LEU B 69 -26.89 -12.77 -19.00
CA LEU B 69 -26.99 -13.40 -17.70
C LEU B 69 -26.29 -14.76 -17.73
N PRO B 70 -25.60 -15.15 -16.67
CA PRO B 70 -24.85 -16.41 -16.70
C PRO B 70 -25.75 -17.62 -16.54
N ASN B 71 -25.40 -18.70 -17.25
CA ASN B 71 -26.13 -19.95 -17.20
C ASN B 71 -25.46 -20.90 -16.22
N ALA B 72 -25.89 -22.16 -16.23
CA ALA B 72 -25.26 -23.16 -15.37
C ALA B 72 -23.82 -23.42 -15.79
N GLN B 73 -23.61 -23.70 -17.09
CA GLN B 73 -22.27 -23.99 -17.59
C GLN B 73 -21.35 -22.78 -17.45
N SER B 74 -21.90 -21.57 -17.54
CA SER B 74 -21.08 -20.38 -17.45
C SER B 74 -20.37 -20.30 -16.09
N MET B 75 -21.13 -20.40 -15.00
CA MET B 75 -20.55 -20.24 -13.69
C MET B 75 -19.85 -21.50 -13.20
N ALA B 76 -20.13 -22.66 -13.81
CA ALA B 76 -19.45 -23.89 -13.43
C ALA B 76 -17.96 -23.84 -13.74
N CYS B 77 -17.55 -22.96 -14.65
CA CYS B 77 -16.15 -22.91 -15.07
C CYS B 77 -15.19 -22.32 -14.01
N HIS B 78 -15.71 -21.69 -12.97
CA HIS B 78 -14.89 -20.81 -12.16
C HIS B 78 -14.85 -21.28 -10.71
N GLU B 79 -13.96 -20.65 -9.95
CA GLU B 79 -13.75 -20.97 -8.54
C GLU B 79 -14.28 -19.81 -7.72
N TYR B 80 -14.96 -20.13 -6.63
CA TYR B 80 -15.58 -19.09 -5.81
C TYR B 80 -15.12 -19.20 -4.37
N LEU B 81 -14.64 -18.08 -3.83
CA LEU B 81 -14.36 -17.96 -2.41
C LEU B 81 -15.32 -16.93 -1.84
N THR B 82 -16.00 -17.28 -0.76
CA THR B 82 -17.07 -16.44 -0.26
C THR B 82 -16.75 -15.97 1.15
N LEU B 83 -16.99 -14.69 1.40
CA LEU B 83 -16.75 -14.06 2.68
C LEU B 83 -18.01 -14.07 3.55
N ASP B 84 -17.81 -14.38 4.83
CA ASP B 84 -18.93 -14.50 5.75
C ASP B 84 -19.39 -13.12 6.23
N ASN B 85 -20.70 -13.01 6.51
CA ASN B 85 -21.26 -11.75 6.97
C ASN B 85 -20.97 -11.46 8.45
N ALA B 86 -20.51 -12.46 9.21
CA ALA B 86 -20.19 -12.24 10.60
C ALA B 86 -19.17 -11.11 10.76
N PHE B 87 -18.18 -11.07 9.86
CA PHE B 87 -17.21 -9.99 9.92
C PHE B 87 -17.88 -8.65 9.61
N TYR B 88 -18.88 -8.66 8.73
CA TYR B 88 -19.57 -7.41 8.41
C TYR B 88 -20.29 -6.84 9.62
N GLU B 89 -21.05 -7.69 10.33
CA GLU B 89 -21.72 -7.25 11.55
C GLU B 89 -20.69 -6.76 12.56
N THR B 90 -19.55 -7.48 12.68
CA THR B 90 -18.52 -7.03 13.60
C THR B 90 -17.94 -5.71 13.16
N LEU B 91 -17.76 -5.55 11.85
CA LEU B 91 -17.23 -4.31 11.31
C LEU B 91 -18.14 -3.13 11.63
N LEU B 92 -19.44 -3.30 11.36
CA LEU B 92 -20.43 -2.29 11.73
C LEU B 92 -20.31 -1.93 13.20
N SER B 93 -20.26 -2.94 14.08
CA SER B 93 -20.22 -2.66 15.51
C SER B 93 -19.00 -1.82 15.88
N ARG B 94 -17.94 -1.92 15.08
CA ARG B 94 -16.71 -1.22 15.38
C ARG B 94 -16.68 0.15 14.78
N HIS B 95 -17.79 0.59 14.15
CA HIS B 95 -17.90 1.93 13.59
C HIS B 95 -19.23 2.55 13.95
N HIS B 96 -19.65 2.37 15.20
CA HIS B 96 -20.86 2.96 15.71
C HIS B 96 -22.07 2.58 14.88
N HIS B 97 -22.02 1.39 14.27
CA HIS B 97 -23.11 0.82 13.50
C HIS B 97 -23.48 1.67 12.30
N ASP B 98 -22.57 2.51 11.85
CA ASP B 98 -22.76 3.34 10.66
C ASP B 98 -22.23 2.60 9.43
N PRO B 99 -23.10 2.15 8.51
CA PRO B 99 -22.61 1.40 7.35
C PRO B 99 -21.77 2.23 6.40
N ILE B 100 -22.04 3.54 6.31
CA ILE B 100 -21.26 4.39 5.43
C ILE B 100 -19.88 4.60 6.00
N LYS B 101 -19.78 4.91 7.30
CA LYS B 101 -18.47 5.05 7.93
C LYS B 101 -17.69 3.74 7.83
N SER B 102 -18.36 2.60 7.97
CA SER B 102 -17.69 1.31 7.78
C SER B 102 -17.19 1.14 6.36
N PHE B 103 -17.99 1.55 5.38
CA PHE B 103 -17.54 1.53 4.00
C PHE B 103 -16.29 2.38 3.83
N SER B 104 -16.30 3.60 4.37
CA SER B 104 -15.11 4.44 4.34
C SER B 104 -13.90 3.70 4.91
N ALA B 105 -14.06 3.00 6.02
CA ALA B 105 -12.91 2.27 6.57
C ALA B 105 -12.44 1.18 5.60
N PHE B 106 -13.39 0.42 5.03
CA PHE B 106 -13.10 -0.61 4.02
C PHE B 106 -12.29 -0.05 2.86
N LEU B 107 -12.57 1.19 2.48
CA LEU B 107 -11.95 1.78 1.31
C LEU B 107 -10.59 2.36 1.61
N THR B 108 -10.35 2.81 2.85
CA THR B 108 -9.17 3.60 3.16
C THR B 108 -8.30 3.06 4.27
N GLU B 109 -8.69 2.00 4.98
CA GLU B 109 -7.92 1.47 6.08
C GLU B 109 -7.77 -0.03 5.96
N ARG B 110 -6.64 -0.56 6.46
CA ARG B 110 -6.48 -1.99 6.68
C ARG B 110 -7.50 -2.47 7.71
N ILE B 111 -8.05 -3.65 7.47
CA ILE B 111 -8.92 -4.32 8.41
C ILE B 111 -8.31 -5.71 8.67
N PRO B 112 -7.56 -5.87 9.77
CA PRO B 112 -6.79 -7.12 9.96
C PRO B 112 -7.66 -8.38 9.92
N ASP B 113 -8.88 -8.33 10.48
CA ASP B 113 -9.74 -9.50 10.42
C ASP B 113 -10.15 -9.86 8.99
N LEU B 114 -10.39 -8.86 8.14
CA LEU B 114 -10.61 -9.14 6.72
C LEU B 114 -9.36 -9.73 6.06
N GLU B 115 -8.19 -9.18 6.36
CA GLU B 115 -6.97 -9.75 5.81
C GLU B 115 -6.83 -11.23 6.20
N THR B 116 -7.11 -11.57 7.45
CA THR B 116 -6.99 -12.97 7.85
C THR B 116 -7.97 -13.87 7.11
N GLU B 117 -9.20 -13.42 6.92
CA GLU B 117 -10.17 -14.24 6.18
C GLU B 117 -9.72 -14.40 4.73
N LEU B 118 -9.25 -13.31 4.10
CA LEU B 118 -8.75 -13.41 2.73
C LEU B 118 -7.58 -14.39 2.63
N HIS B 119 -6.59 -14.24 3.51
CA HIS B 119 -5.49 -15.21 3.50
C HIS B 119 -6.02 -16.64 3.63
N ALA B 120 -6.93 -16.88 4.57
CA ALA B 120 -7.44 -18.24 4.78
C ALA B 120 -8.18 -18.74 3.53
N LEU B 121 -9.01 -17.90 2.91
CA LEU B 121 -9.70 -18.34 1.70
C LEU B 121 -8.71 -18.67 0.59
N LEU B 122 -7.72 -17.77 0.38
CA LEU B 122 -6.71 -17.99 -0.64
C LEU B 122 -5.89 -19.25 -0.38
N ASP B 123 -5.67 -19.60 0.90
CA ASP B 123 -5.00 -20.82 1.27
C ASP B 123 -5.95 -22.02 1.33
N SER B 124 -7.25 -21.79 1.14
CA SER B 124 -8.25 -22.86 1.31
C SER B 124 -8.02 -24.06 0.39
N LYS B 125 -7.31 -23.89 -0.72
CA LYS B 125 -7.06 -24.99 -1.63
C LYS B 125 -5.67 -24.82 -2.24
N LYS B 126 -4.87 -25.87 -2.16
CA LYS B 126 -3.53 -25.82 -2.73
C LYS B 126 -3.59 -25.45 -4.20
N GLY B 127 -2.69 -24.59 -4.61
CA GLY B 127 -2.59 -24.19 -5.98
C GLY B 127 -3.30 -22.90 -6.31
N ILE B 128 -4.28 -22.48 -5.51
CA ILE B 128 -5.03 -21.25 -5.81
C ILE B 128 -4.08 -20.09 -5.95
N ILE B 129 -3.18 -19.91 -4.98
CA ILE B 129 -2.38 -18.69 -4.95
C ILE B 129 -1.40 -18.67 -6.11
N ASP B 130 -0.74 -19.78 -6.36
CA ASP B 130 0.29 -19.78 -7.39
C ASP B 130 -0.28 -19.58 -8.80
N GLN B 131 -1.56 -19.82 -8.99
CA GLN B 131 -2.19 -19.59 -10.28
C GLN B 131 -2.63 -18.14 -10.48
N ILE B 132 -2.70 -17.33 -9.44
CA ILE B 132 -3.13 -15.94 -9.57
C ILE B 132 -2.02 -15.14 -10.25
N ASP B 133 -2.35 -14.53 -11.37
CA ASP B 133 -1.44 -13.59 -12.04
C ASP B 133 -1.64 -12.16 -11.56
N THR B 134 -2.86 -11.82 -11.14
CA THR B 134 -3.12 -10.51 -10.56
C THR B 134 -4.44 -10.57 -9.82
N PHE B 135 -4.58 -9.69 -8.83
CA PHE B 135 -5.88 -9.40 -8.26
C PHE B 135 -6.52 -8.32 -9.08
N ILE B 136 -7.86 -8.29 -9.07
CA ILE B 136 -8.68 -7.21 -9.61
C ILE B 136 -9.70 -6.77 -8.57
N SER B 137 -9.80 -5.48 -8.35
CA SER B 137 -10.72 -4.97 -7.34
C SER B 137 -11.45 -3.82 -7.98
N ILE B 138 -12.76 -3.70 -7.71
CA ILE B 138 -13.56 -2.59 -8.26
C ILE B 138 -13.35 -1.31 -7.44
N CYS B 139 -12.80 -1.42 -6.24
CA CYS B 139 -12.61 -0.26 -5.39
C CYS B 139 -11.26 -0.43 -4.68
N ASN B 140 -10.77 0.68 -4.12
CA ASN B 140 -9.59 0.59 -3.26
C ASN B 140 -9.94 -0.28 -2.09
N CYS B 141 -8.97 -1.08 -1.63
CA CYS B 141 -9.22 -1.90 -0.45
C CYS B 141 -7.89 -2.23 0.21
N PRO B 142 -7.39 -1.37 1.11
CA PRO B 142 -6.04 -1.63 1.70
C PRO B 142 -5.90 -3.00 2.33
N SER B 143 -6.99 -3.61 2.82
CA SER B 143 -6.94 -4.96 3.35
C SER B 143 -6.46 -5.92 2.27
N LEU B 144 -7.13 -5.90 1.10
CA LEU B 144 -6.69 -6.74 0.00
C LEU B 144 -5.28 -6.39 -0.48
N GLU B 145 -4.99 -5.09 -0.58
CA GLU B 145 -3.69 -4.65 -1.07
C GLU B 145 -2.57 -5.11 -0.16
N HIS B 146 -2.78 -5.07 1.17
CA HIS B 146 -1.80 -5.61 2.11
C HIS B 146 -1.57 -7.10 1.89
N VAL B 147 -2.67 -7.84 1.72
CA VAL B 147 -2.57 -9.29 1.46
C VAL B 147 -1.77 -9.54 0.20
N ALA B 148 -2.07 -8.78 -0.86
CA ALA B 148 -1.36 -8.93 -2.13
C ALA B 148 0.14 -8.66 -1.98
N ARG B 149 0.54 -7.68 -1.17
CA ARG B 149 1.98 -7.45 -1.01
C ARG B 149 2.63 -8.69 -0.41
N THR B 150 1.96 -9.29 0.56
CA THR B 150 2.54 -10.45 1.25
C THR B 150 2.71 -11.62 0.29
N LEU B 151 1.77 -11.79 -0.61
CA LEU B 151 1.78 -12.87 -1.59
C LEU B 151 2.55 -12.49 -2.87
N GLY B 152 2.98 -11.25 -3.01
CA GLY B 152 3.71 -10.87 -4.21
C GLY B 152 2.84 -10.68 -5.44
N LYS B 153 1.63 -10.16 -5.28
CA LYS B 153 0.70 -10.08 -6.39
C LYS B 153 0.32 -8.63 -6.58
N GLU B 154 0.13 -8.20 -7.83
CA GLU B 154 -0.38 -6.86 -8.11
C GLU B 154 -1.89 -6.81 -7.88
N VAL B 155 -2.40 -5.58 -7.79
CA VAL B 155 -3.82 -5.32 -7.65
C VAL B 155 -4.19 -4.28 -8.70
N MET B 156 -4.96 -4.68 -9.71
CA MET B 156 -5.50 -3.72 -10.65
C MET B 156 -6.83 -3.24 -10.10
N HIS B 157 -7.02 -1.94 -10.06
CA HIS B 157 -8.28 -1.34 -9.65
C HIS B 157 -9.02 -0.96 -10.93
N ILE B 158 -10.19 -1.57 -11.12
CA ILE B 158 -10.89 -1.52 -12.39
C ILE B 158 -12.33 -1.13 -12.12
N GLU B 159 -12.87 -0.21 -12.90
CA GLU B 159 -14.19 0.34 -12.66
C GLU B 159 -14.66 0.96 -13.97
N ILE B 160 -15.98 1.15 -14.07
CA ILE B 160 -16.48 1.87 -15.23
C ILE B 160 -15.91 3.28 -15.25
N GLY B 161 -15.63 3.76 -16.46
CA GLY B 161 -14.93 5.02 -16.63
C GLY B 161 -15.81 6.24 -16.64
N PRO B 162 -15.22 7.44 -16.86
CA PRO B 162 -16.01 8.68 -16.79
C PRO B 162 -16.78 8.97 -18.06
N LEU B 163 -16.46 8.28 -19.15
CA LEU B 163 -17.11 8.40 -20.45
C LEU B 163 -17.83 7.08 -20.72
N ARG B 164 -19.14 7.16 -20.87
CA ARG B 164 -19.98 5.96 -20.91
C ARG B 164 -21.01 6.09 -22.01
N ALA B 165 -21.34 4.96 -22.63
CA ALA B 165 -22.48 4.91 -23.53
C ALA B 165 -23.74 5.34 -22.80
N PRO B 166 -24.73 5.92 -23.51
CA PRO B 166 -24.82 6.10 -24.98
C PRO B 166 -24.13 7.35 -25.48
N MET B 167 -23.75 8.28 -24.61
CA MET B 167 -23.18 9.55 -25.09
C MET B 167 -21.80 9.34 -25.71
N TYR B 168 -21.03 8.41 -25.16
CA TYR B 168 -19.62 8.23 -25.50
C TYR B 168 -19.33 6.77 -25.81
N ARG B 169 -18.17 6.52 -26.41
CA ARG B 169 -17.56 5.20 -26.28
C ARG B 169 -17.43 4.80 -24.81
N ASN B 170 -17.71 3.53 -24.50
CA ASN B 170 -17.57 3.05 -23.14
C ASN B 170 -16.08 3.03 -22.78
N THR B 171 -15.74 3.58 -21.62
CA THR B 171 -14.37 3.52 -21.14
C THR B 171 -14.35 2.89 -19.75
N ALA B 172 -13.15 2.53 -19.31
CA ALA B 172 -12.92 1.93 -18.02
C ALA B 172 -11.65 2.49 -17.40
N TYR B 173 -11.61 2.44 -16.08
CA TYR B 173 -10.38 2.65 -15.35
C TYR B 173 -9.60 1.36 -15.18
N LEU B 174 -8.28 1.49 -15.24
CA LEU B 174 -7.37 0.41 -14.85
C LEU B 174 -6.15 1.08 -14.22
N ASP B 175 -6.02 0.93 -12.90
CA ASP B 175 -5.04 1.68 -12.15
C ASP B 175 -4.46 0.73 -11.12
N PHE B 176 -3.13 0.62 -11.12
CA PHE B 176 -2.44 -0.27 -10.19
C PHE B 176 -2.37 0.27 -8.76
N ALA B 177 -2.52 1.57 -8.57
CA ALA B 177 -2.47 2.15 -7.23
C ALA B 177 -3.84 2.40 -6.61
N GLY B 178 -4.81 2.89 -7.37
CA GLY B 178 -6.12 3.19 -6.82
C GLY B 178 -7.07 3.63 -7.93
N VAL B 179 -8.36 3.43 -7.66
CA VAL B 179 -9.41 3.88 -8.58
C VAL B 179 -10.18 5.01 -7.89
N ASN B 180 -10.39 6.09 -8.64
CA ASN B 180 -11.03 7.32 -8.17
C ASN B 180 -10.14 8.08 -7.20
N GLY B 181 -9.87 7.53 -6.02
CA GLY B 181 -8.89 8.12 -5.12
C GLY B 181 -7.57 7.37 -5.18
N GLY B 182 -6.50 8.11 -4.91
CA GLY B 182 -5.17 7.51 -4.89
C GLY B 182 -4.71 7.04 -6.24
N THR B 183 -5.16 7.68 -7.31
CA THR B 183 -4.91 7.21 -8.66
C THR B 183 -3.47 7.57 -9.09
N GLU B 184 -3.01 6.88 -10.13
CA GLU B 184 -1.66 7.09 -10.64
C GLU B 184 -1.68 7.81 -11.99
N ALA B 185 -2.81 8.38 -12.40
CA ALA B 185 -2.91 9.11 -13.66
C ALA B 185 -1.91 10.27 -13.72
N SER B 186 -1.90 11.11 -12.68
N SER B 186 -1.88 11.11 -12.67
CA SER B 186 -1.00 12.26 -12.69
CA SER B 186 -1.00 12.26 -12.70
C SER B 186 0.46 11.81 -12.80
C SER B 186 0.46 11.82 -12.81
N ALA B 187 0.83 10.78 -12.04
CA ALA B 187 2.20 10.29 -12.04
C ALA B 187 2.60 9.77 -13.41
N ARG B 188 1.74 9.00 -14.05
CA ARG B 188 2.02 8.52 -15.40
C ARG B 188 2.15 9.67 -16.39
N TYR B 189 1.30 10.68 -16.28
CA TYR B 189 1.43 11.82 -17.17
C TYR B 189 2.76 12.56 -16.97
N GLU B 190 3.12 12.86 -15.72
CA GLU B 190 4.36 13.60 -15.49
C GLU B 190 5.57 12.87 -16.05
N LYS B 191 5.53 11.54 -16.09
CA LYS B 191 6.61 10.73 -16.64
C LYS B 191 6.70 10.85 -18.15
N CYS B 192 5.59 11.04 -18.85
CA CYS B 192 5.61 10.96 -20.30
C CYS B 192 5.10 12.23 -20.98
N GLN B 193 4.92 13.32 -20.22
CA GLN B 193 4.27 14.50 -20.78
C GLN B 193 5.03 15.04 -21.98
N ALA B 194 6.36 14.86 -22.02
CA ALA B 194 7.16 15.33 -23.16
C ALA B 194 6.77 14.61 -24.45
N GLU B 195 6.27 13.38 -24.37
CA GLU B 195 5.86 12.64 -25.56
C GLU B 195 4.53 13.11 -26.12
N PHE B 196 3.79 13.97 -25.40
CA PHE B 196 2.46 14.39 -25.82
C PHE B 196 2.56 15.84 -26.25
N ASP B 197 2.65 16.06 -27.56
CA ASP B 197 2.53 17.38 -28.18
C ASP B 197 1.49 17.21 -29.28
N ILE B 198 0.24 17.46 -28.93
CA ILE B 198 -0.92 17.09 -29.76
C ILE B 198 -1.26 18.26 -30.68
N LYS B 199 -1.44 17.97 -31.97
CA LYS B 199 -1.89 18.96 -32.92
C LYS B 199 -3.38 19.27 -32.79
N ALA B 200 -4.19 18.29 -32.46
CA ALA B 200 -5.63 18.46 -32.49
C ALA B 200 -6.12 19.39 -31.38
N SER B 201 -7.32 19.90 -31.56
CA SER B 201 -7.91 20.75 -30.55
C SER B 201 -8.60 19.91 -29.47
N LEU B 202 -8.98 20.60 -28.38
CA LEU B 202 -9.79 19.95 -27.36
C LEU B 202 -11.08 19.40 -27.94
N GLY B 203 -11.74 20.19 -28.79
CA GLY B 203 -12.95 19.74 -29.47
C GLY B 203 -12.74 18.47 -30.26
N ASP B 204 -11.60 18.37 -30.95
CA ASP B 204 -11.27 17.16 -31.67
C ASP B 204 -11.19 15.96 -30.74
N LEU B 205 -10.54 16.14 -29.58
CA LEU B 205 -10.40 15.03 -28.66
C LEU B 205 -11.77 14.59 -28.18
N HIS B 206 -12.61 15.56 -27.82
CA HIS B 206 -13.92 15.28 -27.25
C HIS B 206 -14.77 14.54 -28.28
N ASN B 207 -14.75 15.02 -29.53
CA ASN B 207 -15.53 14.41 -30.61
C ASN B 207 -15.08 12.99 -30.93
N TYR B 208 -13.84 12.63 -30.64
CA TYR B 208 -13.40 11.28 -30.93
C TYR B 208 -14.12 10.29 -30.03
N PHE B 209 -14.39 10.66 -28.78
CA PHE B 209 -15.11 9.77 -27.83
C PHE B 209 -16.63 9.93 -27.88
N LEU B 210 -17.12 11.08 -28.30
CA LEU B 210 -18.56 11.28 -28.42
C LEU B 210 -19.15 10.36 -29.48
N GLU B 211 -20.27 9.74 -29.16
CA GLU B 211 -21.03 9.00 -30.17
C GLU B 211 -22.00 9.89 -30.93
N VAL B 212 -22.16 11.15 -30.51
CA VAL B 212 -23.06 12.09 -31.15
C VAL B 212 -22.26 13.37 -31.37
N LEU B 213 -22.78 14.25 -32.23
CA LEU B 213 -22.21 15.59 -32.34
C LEU B 213 -22.52 16.41 -31.09
N PRO B 214 -21.62 17.30 -30.70
CA PRO B 214 -21.90 18.11 -29.53
C PRO B 214 -23.07 19.05 -29.80
N PRO B 215 -23.70 19.57 -28.72
CA PRO B 215 -24.91 20.38 -28.92
C PRO B 215 -24.58 21.74 -29.51
N ALA B 216 -25.55 22.29 -30.21
CA ALA B 216 -25.42 23.64 -30.69
C ALA B 216 -25.40 24.57 -29.50
N GLU B 217 -24.94 25.80 -29.75
CA GLU B 217 -24.84 26.79 -28.69
C GLU B 217 -26.20 27.03 -28.06
N ALA B 218 -26.21 27.23 -26.75
CA ALA B 218 -27.44 27.45 -26.00
C ALA B 218 -27.93 28.88 -26.19
N ALA B 219 -29.24 29.03 -26.17
CA ALA B 219 -29.81 30.38 -26.29
C ALA B 219 -29.34 31.26 -25.13
N THR B 220 -29.46 30.74 -23.89
CA THR B 220 -29.13 31.48 -22.68
C THR B 220 -28.26 30.60 -21.78
N HIS B 221 -27.45 31.26 -20.96
CA HIS B 221 -26.52 30.59 -20.08
C HIS B 221 -26.76 30.99 -18.62
N SER B 222 -26.46 30.06 -17.73
CA SER B 222 -26.38 30.35 -16.32
C SER B 222 -24.92 30.56 -15.99
N ALA B 223 -24.63 31.55 -15.14
CA ALA B 223 -23.25 31.81 -14.75
C ALA B 223 -22.57 30.56 -14.16
N ALA B 224 -23.29 29.78 -13.35
CA ALA B 224 -22.67 28.72 -12.56
C ALA B 224 -23.53 27.48 -12.67
N GLY B 225 -22.91 26.38 -13.09
CA GLY B 225 -23.57 25.08 -13.14
C GLY B 225 -22.99 24.23 -12.00
N VAL B 226 -23.87 23.58 -11.24
CA VAL B 226 -23.49 22.75 -10.10
C VAL B 226 -23.85 21.31 -10.39
N VAL B 227 -22.84 20.43 -10.37
CA VAL B 227 -23.00 19.02 -10.63
C VAL B 227 -23.20 18.32 -9.30
N LEU B 228 -24.35 17.65 -9.10
CA LEU B 228 -24.53 16.86 -7.89
C LEU B 228 -24.23 15.40 -8.21
N GLN B 229 -23.89 14.64 -7.17
CA GLN B 229 -23.49 13.24 -7.33
C GLN B 229 -24.34 12.33 -6.45
N VAL B 230 -24.14 11.03 -6.65
CA VAL B 230 -24.82 10.03 -5.83
C VAL B 230 -24.20 10.08 -4.44
N GLU B 231 -25.03 10.24 -3.41
CA GLU B 231 -24.57 10.71 -2.11
C GLU B 231 -23.70 9.68 -1.41
N ASP B 232 -23.87 8.40 -1.74
CA ASP B 232 -23.17 7.32 -1.06
C ASP B 232 -22.30 6.53 -2.02
N CYS B 233 -21.94 7.09 -3.17
CA CYS B 233 -20.87 6.48 -3.95
C CYS B 233 -19.53 6.67 -3.20
N SER B 234 -18.63 5.69 -3.34
CA SER B 234 -17.32 5.71 -2.66
C SER B 234 -16.58 7.06 -2.79
N ASN B 235 -16.65 7.71 -3.94
CA ASN B 235 -15.82 8.91 -4.03
C ASN B 235 -16.50 10.14 -3.41
N LEU B 236 -17.77 10.05 -3.04
CA LEU B 236 -18.31 11.06 -2.14
C LEU B 236 -18.20 10.67 -0.65
N ILE B 237 -17.87 9.43 -0.36
CA ILE B 237 -17.68 9.02 1.02
C ILE B 237 -16.24 9.17 1.43
N ALA B 238 -15.30 8.84 0.55
CA ALA B 238 -13.89 8.73 0.94
C ALA B 238 -12.97 9.67 0.21
N TYR B 239 -13.30 10.12 -0.97
CA TYR B 239 -12.33 10.91 -1.73
C TYR B 239 -12.85 12.33 -1.99
N ASN B 240 -13.72 12.80 -1.11
CA ASN B 240 -14.45 14.04 -1.32
C ASN B 240 -13.84 15.24 -0.62
N HIS B 241 -12.73 15.07 0.09
CA HIS B 241 -12.18 16.14 0.91
C HIS B 241 -13.29 16.79 1.75
N ASP B 242 -14.14 15.95 2.32
CA ASP B 242 -15.26 16.28 3.22
C ASP B 242 -16.44 17.01 2.60
N PHE B 243 -16.38 17.39 1.32
CA PHE B 243 -17.51 18.04 0.68
C PHE B 243 -18.65 17.07 0.40
N THR B 244 -19.85 17.60 0.42
CA THR B 244 -21.05 16.86 0.11
C THR B 244 -21.84 17.65 -0.92
N ASN B 245 -22.93 17.09 -1.43
CA ASN B 245 -23.78 17.86 -2.33
C ASN B 245 -24.24 19.16 -1.69
N ILE B 246 -24.59 19.11 -0.40
CA ILE B 246 -25.09 20.32 0.23
C ILE B 246 -23.95 21.32 0.48
N SER B 247 -22.74 20.89 0.85
CA SER B 247 -21.68 21.89 1.06
C SER B 247 -21.15 22.42 -0.29
N LEU B 248 -21.23 21.62 -1.35
CA LEU B 248 -20.92 22.14 -2.67
C LEU B 248 -21.89 23.25 -3.06
N LEU B 249 -23.17 23.05 -2.78
CA LEU B 249 -24.11 24.11 -3.07
C LEU B 249 -23.79 25.36 -2.25
N SER B 250 -23.49 25.20 -0.96
CA SER B 250 -23.13 26.37 -0.16
C SER B 250 -21.92 27.10 -0.74
N TYR B 251 -20.89 26.33 -1.13
CA TYR B 251 -19.67 26.86 -1.73
C TYR B 251 -20.00 27.73 -2.93
N VAL B 252 -20.89 27.24 -3.79
CA VAL B 252 -21.25 27.99 -4.98
C VAL B 252 -22.04 29.25 -4.59
N ARG B 253 -22.96 29.12 -3.63
CA ARG B 253 -23.73 30.26 -3.15
C ARG B 253 -22.89 31.32 -2.47
N GLN B 254 -21.68 31.02 -2.00
CA GLN B 254 -20.79 32.09 -1.57
C GLN B 254 -20.41 33.01 -2.73
N ARG B 255 -20.38 32.47 -3.96
CA ARG B 255 -19.89 33.16 -5.15
C ARG B 255 -20.95 33.65 -6.10
N TYR B 256 -22.17 33.09 -6.07
CA TYR B 256 -23.22 33.50 -6.98
C TYR B 256 -24.55 33.63 -6.26
N GLU B 257 -25.38 34.57 -6.72
CA GLU B 257 -26.76 34.62 -6.27
C GLU B 257 -27.55 33.45 -6.87
N LYS B 258 -28.63 33.07 -6.17
CA LYS B 258 -29.38 31.87 -6.54
C LYS B 258 -29.93 31.97 -7.96
N GLU B 259 -30.12 33.19 -8.49
CA GLU B 259 -30.65 33.35 -9.84
CA GLU B 259 -30.65 33.35 -9.84
C GLU B 259 -29.62 33.03 -10.91
N ASP B 260 -28.35 32.85 -10.55
CA ASP B 260 -27.29 32.57 -11.52
C ASP B 260 -26.78 31.15 -11.40
N ILE B 261 -27.51 30.29 -10.69
CA ILE B 261 -27.04 28.94 -10.37
C ILE B 261 -27.98 27.96 -11.03
N LEU B 262 -27.42 27.03 -11.78
CA LEU B 262 -28.17 25.98 -12.45
C LEU B 262 -27.67 24.69 -11.86
N VAL B 263 -28.55 23.93 -11.19
CA VAL B 263 -28.15 22.74 -10.46
C VAL B 263 -28.69 21.52 -11.21
N ARG B 264 -27.83 20.52 -11.43
CA ARG B 264 -28.22 19.25 -12.03
C ARG B 264 -27.99 18.11 -11.04
N ALA B 265 -29.08 17.52 -10.57
CA ALA B 265 -29.00 16.35 -9.71
C ALA B 265 -28.54 15.14 -10.53
N HIS B 266 -27.85 14.24 -9.87
CA HIS B 266 -27.47 12.99 -10.49
C HIS B 266 -28.68 12.10 -10.69
N PRO B 267 -28.91 11.60 -11.92
CA PRO B 267 -30.11 10.78 -12.15
C PRO B 267 -30.14 9.52 -11.31
N GLY B 268 -29.00 8.99 -10.90
CA GLY B 268 -28.93 7.82 -10.04
C GLY B 268 -29.09 8.10 -8.54
N SER B 269 -29.18 9.36 -8.13
N SER B 269 -29.16 9.36 -8.13
CA SER B 269 -29.27 9.67 -6.71
CA SER B 269 -29.27 9.65 -6.71
C SER B 269 -30.65 9.33 -6.19
C SER B 269 -30.65 9.31 -6.19
N LEU B 270 -30.73 9.01 -4.90
CA LEU B 270 -32.03 8.80 -4.28
C LEU B 270 -32.76 10.12 -4.08
N PHE B 271 -32.04 11.24 -4.05
CA PHE B 271 -32.61 12.54 -3.73
C PHE B 271 -32.67 13.43 -4.97
N ARG B 272 -33.67 14.29 -5.02
CA ARG B 272 -33.71 15.37 -5.98
C ARG B 272 -33.78 16.69 -5.25
N LEU B 273 -33.22 17.73 -5.87
CA LEU B 273 -33.28 19.08 -5.33
C LEU B 273 -34.64 19.69 -5.64
N ARG B 274 -35.29 20.26 -4.63
CA ARG B 274 -36.61 20.83 -4.79
C ARG B 274 -36.56 22.02 -5.76
N ASP B 275 -37.72 22.38 -6.29
CA ASP B 275 -37.79 23.28 -7.44
C ASP B 275 -37.83 24.75 -7.06
N ASP B 276 -38.52 25.10 -6.00
CA ASP B 276 -38.80 26.49 -5.68
C ASP B 276 -37.61 27.23 -5.05
N VAL B 277 -36.43 26.64 -5.02
CA VAL B 277 -35.27 27.32 -4.45
C VAL B 277 -34.28 27.63 -5.58
N PHE B 278 -33.57 26.59 -6.05
CA PHE B 278 -32.64 26.76 -7.15
C PHE B 278 -33.36 26.53 -8.46
N THR B 279 -32.73 27.00 -9.55
CA THR B 279 -33.15 26.60 -10.88
C THR B 279 -32.59 25.22 -11.15
N ILE B 280 -33.46 24.27 -11.51
CA ILE B 280 -33.10 22.87 -11.63
C ILE B 280 -32.92 22.52 -13.10
N ASP B 281 -31.82 21.87 -13.43
CA ASP B 281 -31.57 21.45 -14.80
C ASP B 281 -32.44 20.27 -15.16
N ASP B 282 -32.97 20.27 -16.39
CA ASP B 282 -33.81 19.21 -16.90
C ASP B 282 -33.30 18.71 -18.26
N SER B 283 -32.00 18.86 -18.53
CA SER B 283 -31.42 18.47 -19.81
C SER B 283 -31.47 16.96 -19.95
N ALA B 284 -31.43 16.50 -21.21
CA ALA B 284 -31.50 15.08 -21.48
C ALA B 284 -30.21 14.39 -21.10
N ASN B 285 -29.11 15.13 -20.97
CA ASN B 285 -27.81 14.54 -20.65
C ASN B 285 -26.91 15.64 -20.07
N SER B 286 -25.84 15.19 -19.42
CA SER B 286 -24.99 16.14 -18.69
C SER B 286 -24.24 17.09 -19.63
N LEU B 287 -23.97 16.67 -20.87
CA LEU B 287 -23.32 17.57 -21.81
C LEU B 287 -24.21 18.75 -22.18
N ALA B 288 -25.51 18.50 -22.35
CA ALA B 288 -26.43 19.57 -22.68
C ALA B 288 -26.61 20.52 -21.52
N PHE B 289 -26.54 19.99 -20.30
CA PHE B 289 -26.49 20.84 -19.10
C PHE B 289 -25.26 21.76 -19.09
N ILE B 290 -24.06 21.19 -19.22
CA ILE B 290 -22.92 22.09 -19.09
C ILE B 290 -22.80 23.05 -20.25
N ASN B 291 -23.35 22.71 -21.40
CA ASN B 291 -23.48 23.64 -22.52
C ASN B 291 -24.18 24.95 -22.14
N GLN B 292 -25.09 24.90 -21.18
CA GLN B 292 -25.82 26.08 -20.76
C GLN B 292 -25.13 26.85 -19.63
N CYS B 293 -23.92 26.47 -19.22
CA CYS B 293 -23.24 27.03 -18.05
C CYS B 293 -21.97 27.73 -18.46
N ASN B 294 -21.69 28.86 -17.83
CA ASN B 294 -20.44 29.57 -18.09
C ASN B 294 -19.28 28.98 -17.30
N GLU B 295 -19.57 28.41 -16.13
CA GLU B 295 -18.58 27.80 -15.27
C GLU B 295 -19.23 26.63 -14.57
N VAL B 296 -18.45 25.59 -14.25
CA VAL B 296 -18.97 24.35 -13.69
C VAL B 296 -18.30 24.04 -12.36
N PHE B 297 -19.09 23.49 -11.43
CA PHE B 297 -18.60 23.19 -10.10
C PHE B 297 -18.91 21.74 -9.78
N THR B 298 -17.89 21.01 -9.29
CA THR B 298 -18.06 19.61 -8.94
C THR B 298 -17.17 19.23 -7.79
N ILE B 299 -17.56 18.16 -7.12
CA ILE B 299 -16.65 17.52 -6.17
C ILE B 299 -15.68 16.59 -6.92
N ASN B 300 -16.21 15.48 -7.44
CA ASN B 300 -15.41 14.60 -8.28
C ASN B 300 -16.27 13.79 -9.27
N SER B 301 -17.25 14.45 -9.85
CA SER B 301 -18.08 13.75 -10.81
C SER B 301 -17.34 13.51 -12.13
N SER B 302 -17.74 12.43 -12.85
CA SER B 302 -17.32 12.27 -14.26
C SER B 302 -17.66 13.51 -15.10
N VAL B 303 -18.74 14.22 -14.74
CA VAL B 303 -19.15 15.37 -15.54
C VAL B 303 -18.11 16.50 -15.51
N GLY B 304 -17.26 16.51 -14.48
CA GLY B 304 -16.19 17.50 -14.42
C GLY B 304 -15.20 17.32 -15.56
N LEU B 305 -14.89 16.07 -15.91
CA LEU B 305 -14.07 15.79 -17.09
C LEU B 305 -14.75 16.29 -18.35
N GLU B 306 -16.04 16.01 -18.48
CA GLU B 306 -16.82 16.52 -19.61
C GLU B 306 -16.70 18.03 -19.73
N ALA B 307 -16.85 18.75 -18.60
CA ALA B 307 -16.73 20.19 -18.59
C ALA B 307 -15.38 20.62 -19.12
N ILE B 308 -14.33 20.01 -18.58
CA ILE B 308 -12.97 20.30 -19.02
C ILE B 308 -12.83 20.06 -20.50
N LEU B 309 -13.42 18.97 -21.02
CA LEU B 309 -13.20 18.61 -22.41
C LEU B 309 -13.97 19.53 -23.34
N THR B 310 -14.94 20.28 -22.83
CA THR B 310 -15.61 21.32 -23.63
C THR B 310 -14.96 22.68 -23.45
N GLY B 311 -13.88 22.79 -22.70
CA GLY B 311 -13.22 24.07 -22.51
C GLY B 311 -13.82 24.97 -21.44
N LYS B 312 -14.73 24.45 -20.63
CA LYS B 312 -15.38 25.27 -19.62
C LYS B 312 -14.50 25.36 -18.39
N LYS B 313 -14.51 26.56 -17.77
CA LYS B 313 -13.87 26.73 -16.48
C LYS B 313 -14.53 25.81 -15.47
N THR B 314 -13.74 24.95 -14.84
CA THR B 314 -14.25 23.92 -13.94
C THR B 314 -13.53 24.04 -12.60
N THR B 315 -14.31 23.87 -11.53
CA THR B 315 -13.81 23.79 -10.17
C THR B 315 -14.04 22.38 -9.69
N VAL B 316 -12.96 21.75 -9.17
CA VAL B 316 -12.94 20.34 -8.75
C VAL B 316 -12.51 20.30 -7.30
N LEU B 317 -13.44 20.00 -6.40
CA LEU B 317 -13.17 20.13 -4.98
C LEU B 317 -12.75 18.83 -4.32
N GLY B 318 -12.97 17.71 -4.99
CA GLY B 318 -12.57 16.42 -4.46
C GLY B 318 -11.39 15.81 -5.22
N ASP B 319 -10.90 14.68 -4.70
CA ASP B 319 -9.89 13.91 -5.41
C ASP B 319 -10.54 13.09 -6.51
N CYS B 320 -9.89 13.04 -7.66
CA CYS B 320 -10.37 12.24 -8.78
C CYS B 320 -9.22 12.08 -9.77
N SER B 321 -9.43 11.17 -10.73
CA SER B 321 -8.39 10.77 -11.69
C SER B 321 -8.02 11.88 -12.65
N TYR B 322 -8.93 12.81 -12.93
CA TYR B 322 -8.70 13.86 -13.90
C TYR B 322 -8.30 15.20 -13.28
N ALA B 323 -8.27 15.30 -11.95
CA ALA B 323 -8.00 16.60 -11.32
C ALA B 323 -6.69 17.22 -11.79
N PHE B 324 -5.67 16.40 -12.07
CA PHE B 324 -4.40 16.95 -12.52
C PHE B 324 -4.53 17.74 -13.81
N ILE B 325 -5.45 17.36 -14.69
CA ILE B 325 -5.64 18.12 -15.92
C ILE B 325 -6.11 19.54 -15.59
N ASN B 326 -7.10 19.64 -14.70
CA ASN B 326 -7.69 20.92 -14.36
C ASN B 326 -6.70 21.83 -13.66
N GLU B 327 -5.68 21.28 -13.00
CA GLU B 327 -4.70 22.09 -12.30
C GLU B 327 -3.69 22.73 -13.24
N LEU B 328 -3.62 22.29 -14.49
CA LEU B 328 -2.72 22.94 -15.45
C LEU B 328 -3.25 24.32 -15.82
N ALA B 329 -2.35 25.20 -16.20
CA ALA B 329 -2.73 26.58 -16.46
C ALA B 329 -3.03 26.83 -17.94
N GLY B 330 -2.27 26.23 -18.85
CA GLY B 330 -2.42 26.54 -20.26
C GLY B 330 -3.36 25.58 -20.98
N ALA B 331 -4.06 26.12 -21.98
CA ALA B 331 -5.01 25.33 -22.78
C ALA B 331 -4.29 24.27 -23.59
N SER B 332 -3.11 24.60 -24.13
CA SER B 332 -2.39 23.59 -24.91
C SER B 332 -1.85 22.49 -23.99
N ALA B 333 -1.36 22.87 -22.82
CA ALA B 333 -0.96 21.86 -21.84
C ALA B 333 -2.18 21.01 -21.44
N THR B 334 -3.33 21.65 -21.32
CA THR B 334 -4.53 20.90 -20.99
C THR B 334 -4.88 19.89 -22.09
N VAL B 335 -4.74 20.28 -23.35
CA VAL B 335 -5.01 19.35 -24.44
C VAL B 335 -4.05 18.17 -24.37
N ASN B 336 -2.76 18.45 -24.22
CA ASN B 336 -1.79 17.36 -24.14
C ASN B 336 -2.10 16.43 -22.97
N ALA B 337 -2.46 16.99 -21.81
CA ALA B 337 -2.77 16.13 -20.66
C ALA B 337 -4.04 15.33 -20.90
N ALA B 338 -5.07 15.99 -21.47
CA ALA B 338 -6.33 15.32 -21.77
C ALA B 338 -6.14 14.19 -22.78
N ALA B 339 -5.29 14.40 -23.79
CA ALA B 339 -4.97 13.34 -24.75
C ALA B 339 -4.32 12.14 -24.06
N PHE B 340 -3.40 12.38 -23.15
CA PHE B 340 -2.84 11.26 -22.40
C PHE B 340 -3.91 10.53 -21.61
N TYR B 341 -4.78 11.31 -20.96
CA TYR B 341 -5.78 10.76 -20.07
C TYR B 341 -6.76 9.90 -20.85
N LEU B 342 -7.23 10.41 -22.00
CA LEU B 342 -8.24 9.71 -22.80
C LEU B 342 -7.69 8.48 -23.52
N PHE B 343 -6.51 8.57 -24.10
CA PHE B 343 -5.97 7.48 -24.90
C PHE B 343 -5.07 6.52 -24.14
N SER B 344 -4.51 6.92 -22.97
CA SER B 344 -3.57 6.04 -22.26
C SER B 344 -4.03 5.66 -20.85
N TYR B 345 -4.60 6.60 -20.12
CA TYR B 345 -5.05 6.26 -18.79
C TYR B 345 -6.38 5.49 -18.84
N LEU B 346 -7.40 6.09 -19.45
CA LEU B 346 -8.64 5.36 -19.74
C LEU B 346 -8.40 4.19 -20.70
N VAL B 347 -9.20 3.16 -20.52
CA VAL B 347 -9.10 1.91 -21.28
C VAL B 347 -10.43 1.69 -21.99
N PRO B 348 -10.42 1.24 -23.25
CA PRO B 348 -11.65 0.73 -23.87
C PRO B 348 -12.34 -0.27 -22.95
N PHE B 349 -13.60 0.01 -22.66
CA PHE B 349 -14.33 -0.68 -21.60
C PHE B 349 -14.18 -2.21 -21.69
N ASP B 350 -14.47 -2.77 -22.86
CA ASP B 350 -14.43 -4.22 -22.99
C ASP B 350 -13.06 -4.80 -22.69
N LEU B 351 -11.99 -4.02 -22.87
CA LEU B 351 -10.66 -4.61 -22.70
C LEU B 351 -10.30 -4.90 -21.25
N VAL B 352 -10.86 -4.19 -20.26
CA VAL B 352 -10.51 -4.49 -18.88
C VAL B 352 -11.12 -5.82 -18.42
N PHE B 353 -11.99 -6.39 -19.23
CA PHE B 353 -12.54 -7.72 -18.98
C PHE B 353 -11.89 -8.77 -19.87
N ASN B 354 -10.83 -8.41 -20.58
CA ASN B 354 -10.23 -9.27 -21.60
C ASN B 354 -8.92 -9.76 -20.99
N GLN B 355 -8.84 -11.07 -20.74
CA GLN B 355 -7.70 -11.59 -19.99
C GLN B 355 -6.37 -11.35 -20.73
N GLU B 356 -6.38 -11.43 -22.07
CA GLU B 356 -5.14 -11.17 -22.81
C GLU B 356 -4.69 -9.71 -22.68
N TYR B 357 -5.61 -8.76 -22.72
CA TYR B 357 -5.20 -7.37 -22.52
C TYR B 357 -4.65 -7.17 -21.10
N LEU B 358 -5.32 -7.77 -20.10
CA LEU B 358 -4.86 -7.63 -18.73
C LEU B 358 -3.46 -8.17 -18.54
N LYS B 359 -3.15 -9.31 -19.14
CA LYS B 359 -1.78 -9.82 -19.12
C LYS B 359 -0.80 -8.86 -19.78
N PHE B 360 -1.20 -8.26 -20.90
CA PHE B 360 -0.42 -7.20 -21.50
C PHE B 360 -0.13 -6.07 -20.50
N ARG B 361 -1.16 -5.54 -19.84
CA ARG B 361 -0.91 -4.46 -18.86
C ARG B 361 -0.07 -4.93 -17.66
N LEU B 362 -0.22 -6.17 -17.25
CA LEU B 362 0.57 -6.68 -16.14
C LEU B 362 2.06 -6.73 -16.47
N GLY B 363 2.45 -6.69 -17.72
CA GLY B 363 3.85 -6.49 -18.09
C GLY B 363 4.35 -5.06 -17.99
N HIS B 364 3.49 -4.12 -17.61
CA HIS B 364 3.86 -2.71 -17.50
C HIS B 364 4.58 -2.22 -18.77
N PRO B 365 3.90 -2.27 -19.92
CA PRO B 365 4.51 -1.76 -21.17
C PRO B 365 4.61 -0.24 -21.19
N GLU B 366 5.36 0.28 -22.15
CA GLU B 366 5.54 1.72 -22.31
C GLU B 366 4.22 2.38 -22.72
N GLU B 367 4.14 3.68 -22.48
CA GLU B 367 2.91 4.40 -22.78
C GLU B 367 2.55 4.31 -24.26
N ARG B 368 3.56 4.30 -25.14
CA ARG B 368 3.28 4.22 -26.56
C ARG B 368 2.57 2.92 -26.90
N GLU B 369 2.98 1.81 -26.29
CA GLU B 369 2.34 0.53 -26.56
C GLU B 369 0.91 0.51 -26.04
N ILE B 370 0.66 1.18 -24.90
CA ILE B 370 -0.70 1.24 -24.36
C ILE B 370 -1.60 2.06 -25.30
N VAL B 371 -1.17 3.25 -25.68
CA VAL B 371 -1.94 4.08 -26.61
C VAL B 371 -2.22 3.32 -27.90
N GLY B 372 -1.22 2.59 -28.42
CA GLY B 372 -1.40 1.86 -29.67
C GLY B 372 -2.43 0.76 -29.52
N LYS B 373 -2.43 0.05 -28.38
CA LYS B 373 -3.42 -1.00 -28.19
C LYS B 373 -4.83 -0.41 -28.11
N HIS B 374 -4.97 0.72 -27.46
CA HIS B 374 -6.29 1.29 -27.29
C HIS B 374 -6.82 1.87 -28.59
N ILE B 375 -5.98 2.56 -29.36
N ILE B 375 -5.97 2.57 -29.35
CA ILE B 375 -6.40 3.08 -30.66
CA ILE B 375 -6.40 3.08 -30.65
C ILE B 375 -6.76 1.93 -31.60
C ILE B 375 -6.75 1.93 -31.59
N GLU B 376 -5.96 0.86 -31.56
CA GLU B 376 -6.28 -0.31 -32.35
C GLU B 376 -7.69 -0.81 -32.03
N PHE B 377 -8.06 -0.84 -30.75
CA PHE B 377 -9.43 -1.25 -30.42
C PHE B 377 -10.46 -0.22 -30.91
N TYR B 378 -10.23 1.07 -30.66
CA TYR B 378 -11.18 2.10 -31.07
C TYR B 378 -11.32 2.14 -32.59
N SER B 379 -10.22 1.94 -33.30
CA SER B 379 -10.23 2.14 -34.74
C SER B 379 -10.52 0.85 -35.49
N ALA B 380 -9.80 -0.22 -35.17
CA ALA B 380 -9.91 -1.49 -35.87
C ALA B 380 -11.18 -2.23 -35.49
N HIS B 391 5.87 5.31 -36.02
CA HIS B 391 4.70 5.44 -35.15
C HIS B 391 5.06 6.05 -33.80
N SER B 392 5.09 7.38 -33.75
CA SER B 392 5.26 8.08 -32.48
C SER B 392 3.92 8.26 -31.79
N LEU B 393 3.99 8.45 -30.46
CA LEU B 393 2.77 8.57 -29.66
C LEU B 393 1.90 9.71 -30.16
N SER B 394 2.46 10.92 -30.24
CA SER B 394 1.68 12.07 -30.69
C SER B 394 1.20 11.88 -32.11
N SER B 395 2.07 11.36 -32.99
CA SER B 395 1.67 11.15 -34.38
C SER B 395 0.50 10.18 -34.46
N LEU B 396 0.52 9.13 -33.64
CA LEU B 396 -0.55 8.14 -33.66
C LEU B 396 -1.87 8.77 -33.23
N ILE B 397 -1.85 9.52 -32.13
CA ILE B 397 -3.04 10.21 -31.67
C ILE B 397 -3.50 11.22 -32.70
N ASN B 398 -2.60 12.12 -33.12
CA ASN B 398 -2.96 13.16 -34.09
C ASN B 398 -3.67 12.57 -35.30
N GLU B 399 -3.13 11.48 -35.85
CA GLU B 399 -3.75 10.87 -37.01
C GLU B 399 -5.11 10.27 -36.65
N ALA B 400 -5.21 9.70 -35.45
CA ALA B 400 -6.46 9.08 -35.04
C ALA B 400 -7.59 10.10 -34.99
N ILE B 401 -7.31 11.27 -34.40
CA ILE B 401 -8.35 12.26 -34.16
C ILE B 401 -8.40 13.25 -35.30
N SER B 402 -7.72 12.93 -36.41
CA SER B 402 -7.86 13.64 -37.67
C SER B 402 -8.38 12.74 -38.77
N LEU B 403 -7.88 11.50 -38.81
CA LEU B 403 -8.27 10.53 -39.84
C LEU B 403 -9.75 10.21 -39.78
N GLU B 404 -10.35 10.28 -38.59
CA GLU B 404 -11.73 9.87 -38.40
C GLU B 404 -12.66 10.25 -39.56
O3P C5P C . 15.93 -0.76 19.94
P C5P C . 15.23 -1.90 20.63
O1P C5P C . 14.42 -2.81 19.74
O2P C5P C . 14.66 -1.53 21.99
O5' C5P C . 16.55 -2.96 21.23
C5' C5P C . 17.51 -3.39 20.43
C4' C5P C . 18.74 -3.87 21.34
O4' C5P C . 19.12 -2.87 22.27
C3' C5P C . 18.30 -5.05 22.21
O3' C5P C . 18.49 -6.31 21.69
C2' C5P C . 19.23 -4.88 23.45
O2' C5P C . 20.46 -5.50 23.15
C1' C5P C . 19.41 -3.37 23.51
N1 C5P C . 18.44 -2.70 24.54
C2 C5P C . 18.86 -2.66 25.91
N3 C5P C . 17.99 -2.05 26.87
C4 C5P C . 16.82 -1.47 26.51
C5 C5P C . 16.40 -1.55 25.08
C6 C5P C . 17.22 -2.18 24.16
O2 C5P C . 19.93 -3.18 26.16
N4 C5P C . 16.00 -0.88 27.49
H5'1 C5P C . 17.91 -2.73 19.84
H5'2 C5P C . 17.30 -4.17 19.89
H4' C5P C . 19.55 -4.02 20.84
H3' C5P C . 17.49 -4.92 22.74
HO3' C5P C . 17.95 -6.56 21.14
H2'1 C5P C . 18.67 -5.29 24.13
HO2' C5P C . 20.92 -5.11 22.62
H1' C5P C . 20.32 -3.25 23.83
H5 C5P C . 15.59 -1.18 24.84
H6 C5P C . 16.99 -2.28 23.27
HN41 C5P C . 15.14 -0.68 27.46
HN42 C5P C . 16.21 -0.68 28.33
C1 KDO D . 14.97 3.78 14.37
O1A KDO D . 14.17 4.39 13.67
O1B KDO D . 16.18 4.19 14.45
C2 KDO D . 14.60 2.51 15.16
C3 KDO D . 14.31 1.39 14.18
C4 KDO D . 14.14 0.09 14.84
O4 KDO D . 13.94 -0.92 13.80
C5 KDO D . 15.38 -0.25 15.67
O5 KDO D . 16.39 -0.53 14.70
C6 KDO D . 15.80 0.86 16.60
O6 KDO D . 15.83 2.18 15.98
C7 KDO D . 17.20 0.62 17.16
O7 KDO D . 17.28 -0.61 17.84
C8 KDO D . 17.51 1.76 18.13
O8 KDO D . 18.79 1.58 18.60
H31 KDO D . 15.05 1.33 13.55
H32 KDO D . 13.49 1.60 13.71
H4 KDO D . 13.37 0.10 15.43
HO4 KDO D . 14.04 -0.57 13.04
H5 KDO D . 15.24 -1.02 16.24
HO5 KDO D . 16.54 -1.36 14.68
H6 KDO D . 15.14 0.86 17.32
H7 KDO D . 17.84 0.58 16.42
HO7 KDO D . 16.54 -0.74 18.26
H81 KDO D . 16.88 1.74 18.86
H82 KDO D . 17.44 2.61 17.66
HO8 KDO D . 19.28 2.24 18.35
CL CL E . 24.92 -17.51 12.55
NA NA F . 23.65 -21.04 20.57
O3P C5P G . -19.18 10.32 -11.97
P C5P G . -20.66 10.54 -11.71
O1P C5P G . -21.38 9.33 -11.14
O2P C5P G . -21.09 11.88 -11.11
O5' C5P G . -21.29 10.59 -13.38
C5' C5P G . -21.39 9.48 -14.15
C4' C5P G . -22.50 9.79 -15.32
O4' C5P G . -23.74 10.19 -14.75
C3' C5P G . -22.05 10.99 -16.09
O3' C5P G . -21.22 10.79 -17.20
C2' C5P G . -23.43 11.55 -16.62
O2' C5P G . -23.74 10.79 -17.73
C1' C5P G . -24.38 11.20 -15.41
N1 C5P G . -24.57 12.38 -14.48
C2 C5P G . -25.60 13.38 -14.85
N3 C5P G . -25.73 14.47 -13.94
C4 C5P G . -24.99 14.62 -12.76
C5 C5P G . -24.01 13.60 -12.46
C6 C5P G . -23.83 12.54 -13.33
O2 C5P G . -26.23 13.24 -15.88
N4 C5P G . -25.22 15.69 -11.94
H5'1 C5P G . -21.73 8.67 -13.72
H5'2 C5P G . -20.60 9.22 -14.65
H4' C5P G . -22.73 9.02 -15.86
H3' C5P G . -21.86 11.79 -15.57
HO3' C5P G . -20.78 10.12 -17.16
H2'1 C5P G . -23.22 12.48 -16.76
HO2' C5P G . -24.02 10.04 -17.58
H1' C5P G . -25.24 10.97 -15.81
H5 C5P G . -23.53 13.68 -11.67
H6 C5P G . -23.19 11.88 -13.18
HN41 C5P G . -25.11 16.56 -12.12
HN42 C5P G . -25.52 15.71 -11.12
C1 KDO H . -20.05 4.09 -6.14
O1A KDO H . -21.07 3.42 -6.45
O1B KDO H . -19.36 3.75 -5.12
C2 KDO H . -19.60 5.20 -7.10
C3 KDO H . -18.31 4.73 -7.75
C4 KDO H . -17.88 5.63 -8.86
O4 KDO H . -16.65 5.08 -9.42
C5 KDO H . -18.97 5.69 -9.90
O5 KDO H . -19.14 4.37 -10.46
C6 KDO H . -20.27 6.15 -9.29
O6 KDO H . -20.70 5.33 -8.14
C7 KDO H . -21.43 6.05 -10.30
O7 KDO H . -21.13 6.88 -11.41
C8 KDO H . -22.71 6.46 -9.57
O8 KDO H . -23.79 6.41 -10.47
H31 KDO H . -18.43 3.84 -8.10
H32 KDO H . -17.61 4.71 -7.07
H4 KDO H . -17.67 6.53 -8.55
HO4 KDO H . -16.52 4.29 -9.12
H5 KDO H . -18.73 6.30 -10.61
HO5 KDO H . -18.64 4.30 -11.15
H6 KDO H . -20.13 7.07 -9.03
H7 KDO H . -21.54 5.15 -10.65
HO7 KDO H . -21.86 7.21 -11.70
H81 KDO H . -22.62 7.36 -9.23
H82 KDO H . -22.88 5.85 -8.84
HO8 KDO H . -24.38 5.87 -10.17
CL CL I . -15.81 1.93 -28.85
NA NA J . -17.63 11.06 -32.39
NA NA K . -6.76 24.73 -15.72
#